data_8GQU
#
_entry.id   8GQU
#
loop_
_entity.id
_entity.type
_entity.pdbx_description
1 polymer 'Chloride channel protein 2'
2 non-polymer '2-[[2,6-bis(chloranyl)-3-phenylmethoxy-phenyl]amino]pyridine-3-carboxylic acid'
#
_entity_poly.entity_id   1
_entity_poly.type   'polypeptide(L)'
_entity_poly.pdbx_seq_one_letter_code
;MAAAAAEEGMEPRALQYEQTLMYGRYTQDLGAFAKEEAARIRLGGPEPWKGPPSSRAAPELLEYGRSRCARCRVCSVRCH
KFLVSRVGEDWIFLVLLGLLMALVSWVMDYAIAACLQAQQWMSRGLNTSILLQYLAWVTYPVVLITFSAGFTQILAPQAV
GSGIPEMKTILRGVVLKEYLTLKTFIAKVIGLTCALGSGMPLGKEGPFVHIASMCAALLSKFLSLFGGIYENESRNTEML
AAACAVGVGCCFAAPIGGVLFSIEVTSTFFAVRNYWRGFFAATFSAFIFRVLAVWNRDEETITALFKTRFRLDFPFDLQE
LPAFAVIGIASGFGGALFVYLNRKIVQVMRKQKTINRFLMRKRLLFPALVTLLISTLTFPPGFGQFMAGQLSQKETLVTL
FDNRTWVRQGLVEELEPPSTSQAWNPPRANVFLTLVIFILMKFWMSALATTIPVPCGAFMPVFVIGAAFGRLVGESMAAW
FPDGIHTDSSTYRIVPGGYAVVGAAALAGAVTHTVSTAVIVFELTGQIAHILPVMIAVILANAVAQSLQPSLYDSIIRIK
KLPYLPELGWGRHQQYRVRVEDIMVRDVPHVALSCTFRDLRLALHRTKGRMLALVESPESMILLGSIERSQVVALLGAQL
SPARRRQHMQERRATQTSPLSDQEGPPTPEASVCFQVNTEDSAFPAARGETHKPLKPALKRGPSVTRNLGESPTGSAESA
GIALRSLFCGSPPPEAASEKLESCEKRKLKRVRISLASDADLEGEMSPEEILEWEEQQLDEPVNFSDCKIDPAPFQLVER
TSLHKTHTIFSLLGVDHAYVTSIGRLIGIVTLKELRKAIEGSVTAQGVKVRPPLASFRDSATSSSDTETTEVHALWGPHS
RHGLPREGSPSDSDDKCQ
;
_entity_poly.pdbx_strand_id   A,B
#
loop_
_chem_comp.id
_chem_comp.type
_chem_comp.name
_chem_comp.formula
GH6 non-polymer '2-[[2,6-bis(chloranyl)-3-phenylmethoxy-phenyl]amino]pyridine-3-carboxylic acid' 'C19 H14 Cl2 N2 O3'
#
# COMPACT_ATOMS: atom_id res chain seq x y z
N GLU A 89 13.97 1.54 -26.34
CA GLU A 89 13.13 2.47 -25.59
C GLU A 89 12.98 2.01 -24.14
N ASP A 90 12.63 2.95 -23.26
CA ASP A 90 12.49 2.62 -21.85
C ASP A 90 11.27 1.75 -21.60
N TRP A 91 10.15 2.08 -22.24
CA TRP A 91 8.91 1.36 -21.98
C TRP A 91 9.01 -0.10 -22.42
N ILE A 92 9.55 -0.33 -23.62
CA ILE A 92 9.73 -1.69 -24.10
C ILE A 92 10.76 -2.42 -23.25
N PHE A 93 11.78 -1.71 -22.76
CA PHE A 93 12.74 -2.31 -21.84
C PHE A 93 12.04 -2.83 -20.60
N LEU A 94 11.20 -2.01 -19.97
CA LEU A 94 10.52 -2.43 -18.75
C LEU A 94 9.54 -3.56 -19.03
N VAL A 95 8.85 -3.51 -20.17
CA VAL A 95 7.90 -4.57 -20.52
C VAL A 95 8.62 -5.90 -20.66
N LEU A 96 9.73 -5.92 -21.41
CA LEU A 96 10.48 -7.16 -21.59
C LEU A 96 11.07 -7.64 -20.25
N LEU A 97 11.56 -6.70 -19.44
CA LEU A 97 12.11 -7.08 -18.14
C LEU A 97 11.06 -7.75 -17.28
N GLY A 98 9.87 -7.16 -17.19
CA GLY A 98 8.81 -7.76 -16.41
C GLY A 98 8.40 -9.12 -16.93
N LEU A 99 8.24 -9.24 -18.25
CA LEU A 99 7.84 -10.52 -18.83
C LEU A 99 8.86 -11.62 -18.51
N LEU A 100 10.13 -11.34 -18.78
CA LEU A 100 11.17 -12.35 -18.55
C LEU A 100 11.28 -12.69 -17.07
N MET A 101 11.21 -11.69 -16.19
CA MET A 101 11.36 -11.95 -14.77
C MET A 101 10.20 -12.79 -14.25
N ALA A 102 8.96 -12.49 -14.70
CA ALA A 102 7.82 -13.29 -14.29
C ALA A 102 7.94 -14.72 -14.79
N LEU A 103 8.40 -14.91 -16.03
CA LEU A 103 8.57 -16.26 -16.56
C LEU A 103 9.59 -17.04 -15.73
N VAL A 104 10.73 -16.41 -15.40
CA VAL A 104 11.75 -17.07 -14.60
C VAL A 104 11.20 -17.42 -13.22
N SER A 105 10.47 -16.50 -12.60
CA SER A 105 9.88 -16.76 -11.29
C SER A 105 8.93 -17.95 -11.34
N TRP A 106 8.07 -18.00 -12.36
CA TRP A 106 7.10 -19.09 -12.44
C TRP A 106 7.78 -20.43 -12.66
N VAL A 107 8.79 -20.48 -13.55
CA VAL A 107 9.43 -21.75 -13.81
C VAL A 107 10.20 -22.22 -12.57
N MET A 108 10.85 -21.30 -11.86
CA MET A 108 11.52 -21.66 -10.61
C MET A 108 10.55 -22.18 -9.57
N ASP A 109 9.41 -21.53 -9.42
CA ASP A 109 8.42 -21.96 -8.44
C ASP A 109 7.85 -23.32 -8.81
N TYR A 110 7.62 -23.55 -10.10
CA TYR A 110 7.16 -24.87 -10.54
C TYR A 110 8.18 -25.95 -10.20
N ALA A 111 9.46 -25.67 -10.45
CA ALA A 111 10.50 -26.64 -10.12
C ALA A 111 10.55 -26.94 -8.63
N ILE A 112 10.45 -25.89 -7.80
CA ILE A 112 10.47 -26.09 -6.35
C ILE A 112 9.27 -26.91 -5.89
N ALA A 113 8.08 -26.59 -6.41
CA ALA A 113 6.89 -27.34 -6.04
C ALA A 113 7.01 -28.80 -6.44
N ALA A 114 7.53 -29.05 -7.65
CA ALA A 114 7.73 -30.43 -8.09
C ALA A 114 8.71 -31.16 -7.17
N CYS A 115 9.79 -30.49 -6.77
CA CYS A 115 10.75 -31.14 -5.88
C CYS A 115 10.13 -31.49 -4.53
N LEU A 116 9.38 -30.54 -3.94
CA LEU A 116 8.75 -30.81 -2.64
C LEU A 116 7.73 -31.94 -2.75
N GLN A 117 6.90 -31.94 -3.80
CA GLN A 117 5.90 -32.98 -3.91
C GLN A 117 6.53 -34.34 -4.18
N ALA A 118 7.61 -34.38 -4.95
CA ALA A 118 8.33 -35.63 -5.16
C ALA A 118 8.91 -36.15 -3.85
N GLN A 119 9.47 -35.25 -3.04
CA GLN A 119 10.00 -35.65 -1.74
C GLN A 119 8.88 -36.20 -0.85
N GLN A 120 7.72 -35.54 -0.86
CA GLN A 120 6.60 -36.02 -0.04
C GLN A 120 6.13 -37.39 -0.50
N TRP A 121 6.05 -37.60 -1.82
CA TRP A 121 5.64 -38.90 -2.34
C TRP A 121 6.64 -39.99 -1.97
N MET A 122 7.94 -39.67 -2.07
CA MET A 122 8.96 -40.64 -1.68
C MET A 122 8.86 -40.99 -0.20
N SER A 123 8.60 -39.99 0.63
CA SER A 123 8.43 -40.23 2.07
C SER A 123 7.22 -41.12 2.34
N ARG A 124 6.11 -40.85 1.64
CA ARG A 124 4.90 -41.64 1.86
C ARG A 124 5.06 -43.06 1.34
N GLY A 125 5.91 -43.26 0.32
CA GLY A 125 6.06 -44.58 -0.26
C GLY A 125 6.65 -45.59 0.72
N LEU A 126 7.62 -45.14 1.52
CA LEU A 126 8.35 -46.03 2.43
C LEU A 126 7.82 -45.95 3.86
N ASN A 127 6.50 -45.78 4.02
CA ASN A 127 5.94 -45.64 5.36
C ASN A 127 6.03 -46.93 6.16
N THR A 128 6.09 -48.07 5.48
CA THR A 128 6.05 -49.35 6.17
C THR A 128 7.26 -49.55 7.09
N SER A 129 8.45 -49.22 6.60
CA SER A 129 9.68 -49.38 7.38
C SER A 129 10.17 -48.00 7.79
N ILE A 130 10.37 -47.82 9.10
CA ILE A 130 10.77 -46.51 9.63
C ILE A 130 12.19 -46.18 9.21
N LEU A 131 13.07 -47.17 9.18
CA LEU A 131 14.48 -46.91 8.86
C LEU A 131 14.62 -46.42 7.42
N LEU A 132 13.87 -47.02 6.49
CA LEU A 132 13.99 -46.62 5.09
C LEU A 132 13.53 -45.19 4.87
N GLN A 133 12.39 -44.81 5.47
CA GLN A 133 11.95 -43.43 5.33
C GLN A 133 12.86 -42.46 6.06
N TYR A 134 13.46 -42.87 7.18
CA TYR A 134 14.44 -42.01 7.84
C TYR A 134 15.64 -41.77 6.93
N LEU A 135 16.14 -42.83 6.30
CA LEU A 135 17.27 -42.68 5.40
C LEU A 135 16.93 -41.79 4.21
N ALA A 136 15.72 -41.95 3.66
CA ALA A 136 15.31 -41.09 2.55
C ALA A 136 15.20 -39.64 2.99
N TRP A 137 14.49 -39.40 4.10
CA TRP A 137 14.29 -38.06 4.63
C TRP A 137 15.60 -37.37 4.98
N VAL A 138 16.64 -38.13 5.33
CA VAL A 138 17.93 -37.53 5.62
C VAL A 138 18.75 -37.31 4.36
N THR A 139 18.81 -38.30 3.47
CA THR A 139 19.73 -38.22 2.34
C THR A 139 19.23 -37.26 1.27
N TYR A 140 17.92 -37.22 1.03
CA TYR A 140 17.42 -36.39 -0.07
C TYR A 140 17.78 -34.92 0.09
N PRO A 141 17.45 -34.24 1.20
CA PRO A 141 17.90 -32.85 1.34
C PRO A 141 19.41 -32.71 1.36
N VAL A 142 20.12 -33.70 1.93
CA VAL A 142 21.58 -33.66 1.91
C VAL A 142 22.09 -33.70 0.49
N VAL A 143 21.49 -34.55 -0.34
CA VAL A 143 21.87 -34.62 -1.76
C VAL A 143 21.62 -33.27 -2.43
N LEU A 144 20.46 -32.66 -2.19
CA LEU A 144 20.17 -31.39 -2.82
C LEU A 144 21.17 -30.32 -2.42
N ILE A 145 21.47 -30.19 -1.13
CA ILE A 145 22.41 -29.13 -0.71
C ILE A 145 23.82 -29.41 -1.20
N THR A 146 24.27 -30.68 -1.16
CA THR A 146 25.62 -30.94 -1.65
C THR A 146 25.73 -30.67 -3.15
N PHE A 147 24.71 -31.04 -3.92
CA PHE A 147 24.73 -30.73 -5.36
C PHE A 147 24.71 -29.23 -5.59
N SER A 148 23.89 -28.50 -4.83
CA SER A 148 23.81 -27.06 -5.01
C SER A 148 25.15 -26.40 -4.70
N ALA A 149 25.75 -26.74 -3.56
CA ALA A 149 27.04 -26.17 -3.19
C ALA A 149 28.11 -26.50 -4.22
N GLY A 150 28.16 -27.76 -4.67
CA GLY A 150 29.16 -28.14 -5.65
C GLY A 150 29.00 -27.42 -6.96
N PHE A 151 27.76 -27.32 -7.46
CA PHE A 151 27.54 -26.63 -8.72
C PHE A 151 27.88 -25.15 -8.61
N THR A 152 27.52 -24.52 -7.48
CA THR A 152 27.84 -23.11 -7.31
C THR A 152 29.34 -22.88 -7.25
N GLN A 153 30.07 -23.73 -6.52
CA GLN A 153 31.52 -23.51 -6.43
C GLN A 153 32.21 -23.79 -7.75
N ILE A 154 31.74 -24.80 -8.50
CA ILE A 154 32.41 -25.15 -9.74
C ILE A 154 32.12 -24.12 -10.82
N LEU A 155 30.89 -23.58 -10.87
CA LEU A 155 30.53 -22.66 -11.93
C LEU A 155 30.95 -21.24 -11.61
N ALA A 156 30.39 -20.65 -10.55
CA ALA A 156 30.64 -19.25 -10.20
C ALA A 156 30.48 -19.09 -8.70
N PRO A 157 31.58 -19.02 -7.96
CA PRO A 157 31.47 -18.82 -6.51
C PRO A 157 30.83 -17.50 -6.10
N GLN A 158 30.92 -16.47 -6.95
CA GLN A 158 30.39 -15.15 -6.58
C GLN A 158 28.88 -15.17 -6.35
N ALA A 159 28.16 -16.11 -6.98
CA ALA A 159 26.72 -16.20 -6.77
C ALA A 159 26.36 -16.65 -5.35
N VAL A 160 27.29 -17.27 -4.62
CA VAL A 160 26.99 -17.71 -3.27
C VAL A 160 26.75 -16.50 -2.37
N GLY A 161 25.68 -16.55 -1.60
CA GLY A 161 25.29 -15.47 -0.72
C GLY A 161 23.86 -15.02 -0.93
N SER A 162 23.48 -13.97 -0.21
CA SER A 162 22.13 -13.46 -0.31
C SER A 162 21.89 -12.82 -1.68
N GLY A 163 22.60 -11.74 -1.98
CA GLY A 163 22.41 -11.02 -3.22
C GLY A 163 21.98 -9.57 -3.08
N ILE A 164 21.40 -9.20 -1.93
CA ILE A 164 20.98 -7.81 -1.74
C ILE A 164 22.15 -6.90 -1.35
N PRO A 165 23.01 -7.26 -0.38
CA PRO A 165 24.12 -6.36 -0.04
C PRO A 165 25.07 -6.09 -1.19
N GLU A 166 25.32 -7.07 -2.06
CA GLU A 166 26.17 -6.83 -3.21
C GLU A 166 25.53 -5.83 -4.17
N MET A 167 24.20 -5.88 -4.34
CA MET A 167 23.54 -4.85 -5.14
C MET A 167 23.54 -3.50 -4.45
N LYS A 168 23.47 -3.45 -3.13
CA LYS A 168 23.65 -2.18 -2.43
C LYS A 168 25.03 -1.59 -2.72
N THR A 169 26.06 -2.44 -2.71
CA THR A 169 27.39 -1.98 -3.09
C THR A 169 27.43 -1.50 -4.54
N ILE A 170 26.76 -2.23 -5.43
CA ILE A 170 26.75 -1.88 -6.85
C ILE A 170 26.12 -0.51 -7.05
N LEU A 171 24.99 -0.26 -6.39
CA LEU A 171 24.29 1.01 -6.48
C LEU A 171 24.91 2.09 -5.61
N ARG A 172 25.92 1.74 -4.79
CA ARG A 172 26.65 2.72 -4.02
C ARG A 172 27.85 3.29 -4.79
N GLY A 173 28.09 2.82 -6.01
CA GLY A 173 29.16 3.35 -6.82
C GLY A 173 30.16 2.31 -7.31
N VAL A 174 30.47 1.32 -6.46
CA VAL A 174 31.43 0.29 -6.83
C VAL A 174 30.75 -0.78 -7.68
N VAL A 175 31.05 -0.78 -8.97
CA VAL A 175 30.42 -1.73 -9.89
C VAL A 175 31.46 -2.76 -10.33
N LEU A 176 31.12 -4.04 -10.16
CA LEU A 176 31.98 -5.15 -10.56
C LEU A 176 31.34 -5.89 -11.72
N LYS A 177 32.10 -6.08 -12.79
CA LYS A 177 31.61 -6.82 -13.96
C LYS A 177 31.92 -8.30 -13.80
N GLU A 178 31.52 -8.82 -12.63
CA GLU A 178 31.73 -10.23 -12.31
C GLU A 178 30.43 -10.87 -11.85
N TYR A 179 29.57 -10.09 -11.19
CA TYR A 179 28.34 -10.63 -10.64
C TYR A 179 27.22 -10.73 -11.67
N LEU A 180 27.39 -10.16 -12.85
CA LEU A 180 26.36 -10.18 -13.89
C LEU A 180 26.95 -10.85 -15.13
N THR A 181 26.88 -12.17 -15.16
CA THR A 181 27.32 -12.97 -16.30
C THR A 181 26.34 -14.13 -16.49
N LEU A 182 26.28 -14.63 -17.73
CA LEU A 182 25.33 -15.69 -18.04
C LEU A 182 25.62 -16.96 -17.25
N LYS A 183 26.90 -17.30 -17.10
CA LYS A 183 27.25 -18.46 -16.28
C LYS A 183 26.84 -18.25 -14.83
N THR A 184 27.04 -17.04 -14.31
CA THR A 184 26.60 -16.74 -12.95
C THR A 184 25.08 -16.80 -12.85
N PHE A 185 24.38 -16.38 -13.91
CA PHE A 185 22.92 -16.45 -13.91
C PHE A 185 22.43 -17.90 -13.84
N ILE A 186 23.03 -18.77 -14.64
CA ILE A 186 22.65 -20.18 -14.61
C ILE A 186 22.96 -20.79 -13.25
N ALA A 187 24.15 -20.49 -12.71
CA ALA A 187 24.52 -21.00 -11.41
C ALA A 187 23.53 -20.55 -10.35
N LYS A 188 23.18 -19.27 -10.35
CA LYS A 188 22.25 -18.74 -9.36
C LYS A 188 20.88 -19.41 -9.48
N VAL A 189 20.32 -19.49 -10.68
CA VAL A 189 18.98 -20.03 -10.81
C VAL A 189 18.95 -21.50 -10.38
N ILE A 190 19.92 -22.30 -10.84
CA ILE A 190 19.91 -23.71 -10.51
C ILE A 190 20.15 -23.92 -9.01
N GLY A 191 21.13 -23.20 -8.44
CA GLY A 191 21.43 -23.37 -7.03
C GLY A 191 20.28 -22.93 -6.14
N LEU A 192 19.65 -21.81 -6.48
CA LEU A 192 18.51 -21.35 -5.68
C LEU A 192 17.35 -22.33 -5.77
N THR A 193 17.05 -22.84 -6.96
CA THR A 193 15.98 -23.82 -7.09
C THR A 193 16.28 -25.05 -6.24
N CYS A 194 17.49 -25.57 -6.35
CA CYS A 194 17.82 -26.82 -5.65
C CYS A 194 17.89 -26.60 -4.13
N ALA A 195 18.30 -25.42 -3.70
CA ALA A 195 18.36 -25.13 -2.27
C ALA A 195 16.97 -24.97 -1.68
N LEU A 196 16.07 -24.28 -2.39
CA LEU A 196 14.72 -24.12 -1.88
C LEU A 196 13.93 -25.42 -1.98
N GLY A 197 14.30 -26.31 -2.90
CA GLY A 197 13.55 -27.54 -3.06
C GLY A 197 13.76 -28.59 -1.99
N SER A 198 14.74 -28.40 -1.11
CA SER A 198 15.07 -29.41 -0.11
C SER A 198 14.32 -29.25 1.20
N GLY A 199 13.52 -28.20 1.35
CA GLY A 199 12.86 -27.94 2.61
C GLY A 199 13.71 -27.23 3.64
N MET A 200 14.91 -26.77 3.28
CA MET A 200 15.75 -26.03 4.20
C MET A 200 15.08 -24.70 4.54
N PRO A 201 15.24 -24.22 5.79
CA PRO A 201 14.67 -22.92 6.15
C PRO A 201 15.41 -21.77 5.47
N LEU A 202 15.12 -21.55 4.19
CA LEU A 202 15.77 -20.51 3.41
C LEU A 202 14.71 -19.65 2.74
N GLY A 203 15.09 -18.41 2.41
CA GLY A 203 14.22 -17.48 1.75
C GLY A 203 14.58 -17.30 0.28
N LYS A 204 13.83 -16.41 -0.37
CA LYS A 204 13.98 -16.18 -1.81
C LYS A 204 13.87 -14.69 -2.13
N GLU A 205 14.29 -13.84 -1.18
CA GLU A 205 14.23 -12.40 -1.40
C GLU A 205 15.55 -11.81 -1.89
N GLY A 206 16.67 -12.43 -1.55
CA GLY A 206 17.98 -11.95 -1.92
C GLY A 206 18.44 -12.45 -3.28
N PRO A 207 18.52 -13.77 -3.44
CA PRO A 207 18.92 -14.31 -4.75
C PRO A 207 17.97 -13.92 -5.88
N PHE A 208 16.68 -13.79 -5.59
CA PHE A 208 15.71 -13.58 -6.65
C PHE A 208 15.73 -12.15 -7.20
N VAL A 209 16.26 -11.21 -6.43
CA VAL A 209 16.42 -9.84 -6.94
C VAL A 209 17.75 -9.68 -7.67
N HIS A 210 18.79 -10.38 -7.24
CA HIS A 210 20.04 -10.40 -7.98
C HIS A 210 19.84 -11.10 -9.32
N ILE A 211 18.93 -12.08 -9.37
CA ILE A 211 18.53 -12.69 -10.64
C ILE A 211 17.91 -11.65 -11.57
N ALA A 212 17.03 -10.80 -11.03
CA ALA A 212 16.41 -9.76 -11.85
C ALA A 212 17.45 -8.77 -12.35
N SER A 213 18.42 -8.45 -11.50
CA SER A 213 19.53 -7.59 -11.93
C SER A 213 20.30 -8.23 -13.07
N MET A 214 20.60 -9.54 -12.95
CA MET A 214 21.30 -10.24 -14.03
C MET A 214 20.48 -10.19 -15.32
N CYS A 215 19.17 -10.40 -15.20
CA CYS A 215 18.32 -10.42 -16.38
C CYS A 215 18.30 -9.06 -17.07
N ALA A 216 18.20 -7.98 -16.28
CA ALA A 216 18.26 -6.64 -16.86
C ALA A 216 19.59 -6.40 -17.56
N ALA A 217 20.69 -6.77 -16.92
CA ALA A 217 22.00 -6.56 -17.53
C ALA A 217 22.15 -7.38 -18.81
N LEU A 218 21.70 -8.62 -18.80
CA LEU A 218 21.84 -9.48 -19.97
C LEU A 218 20.99 -8.99 -21.12
N LEU A 219 19.75 -8.57 -20.85
CA LEU A 219 18.92 -8.07 -21.94
C LEU A 219 19.44 -6.74 -22.47
N SER A 220 20.00 -5.91 -21.58
CA SER A 220 20.64 -4.68 -22.03
C SER A 220 21.81 -4.98 -22.94
N LYS A 221 22.61 -6.01 -22.61
CA LYS A 221 23.69 -6.43 -23.50
C LYS A 221 23.14 -6.94 -24.83
N PHE A 222 22.04 -7.69 -24.78
CA PHE A 222 21.44 -8.20 -26.01
C PHE A 222 20.98 -7.07 -26.92
N LEU A 223 20.38 -6.03 -26.35
CA LEU A 223 19.99 -4.87 -27.14
C LEU A 223 21.18 -4.02 -27.59
N SER A 224 22.24 -3.94 -26.79
CA SER A 224 23.42 -3.18 -27.19
C SER A 224 24.18 -3.87 -28.32
N LEU A 225 24.16 -5.19 -28.36
CA LEU A 225 24.85 -5.91 -29.43
C LEU A 225 24.27 -5.57 -30.80
N PHE A 226 23.01 -5.15 -30.84
CA PHE A 226 22.33 -4.86 -32.09
C PHE A 226 22.49 -3.43 -32.54
N GLY A 227 23.27 -2.62 -31.81
CA GLY A 227 23.51 -1.24 -32.20
C GLY A 227 24.32 -0.48 -31.18
N GLY A 228 25.28 0.32 -31.65
CA GLY A 228 26.16 1.09 -30.78
C GLY A 228 25.52 2.26 -30.07
N ILE A 229 24.19 2.35 -30.07
CA ILE A 229 23.48 3.45 -29.45
C ILE A 229 23.44 3.27 -27.93
N TYR A 230 23.82 2.09 -27.46
CA TYR A 230 23.77 1.77 -26.03
C TYR A 230 25.14 1.81 -25.36
N GLU A 231 26.13 2.50 -25.96
CA GLU A 231 27.44 2.56 -25.35
C GLU A 231 27.46 3.40 -24.08
N ASN A 232 26.43 4.23 -23.87
CA ASN A 232 26.41 5.12 -22.72
C ASN A 232 26.24 4.34 -21.42
N GLU A 233 27.08 4.68 -20.43
CA GLU A 233 27.04 4.07 -19.12
C GLU A 233 26.00 4.69 -18.20
N SER A 234 25.38 5.79 -18.61
CA SER A 234 24.41 6.50 -17.78
C SER A 234 23.04 5.85 -17.78
N ARG A 235 22.84 4.80 -18.58
CA ARG A 235 21.54 4.16 -18.72
C ARG A 235 21.40 2.89 -17.89
N ASN A 236 22.42 2.50 -17.13
CA ASN A 236 22.43 1.22 -16.44
C ASN A 236 21.90 1.33 -15.00
N THR A 237 22.51 2.20 -14.19
CA THR A 237 22.26 2.17 -12.75
C THR A 237 20.80 2.35 -12.40
N GLU A 238 20.12 3.31 -13.04
CA GLU A 238 18.69 3.45 -12.83
C GLU A 238 17.94 2.22 -13.29
N MET A 239 18.40 1.59 -14.38
CA MET A 239 17.74 0.38 -14.86
C MET A 239 18.00 -0.78 -13.92
N LEU A 240 19.18 -0.83 -13.30
CA LEU A 240 19.42 -1.83 -12.26
C LEU A 240 18.49 -1.62 -11.06
N ALA A 241 18.27 -0.36 -10.68
CA ALA A 241 17.33 -0.09 -9.60
C ALA A 241 15.92 -0.55 -9.97
N ALA A 242 15.50 -0.28 -11.20
CA ALA A 242 14.20 -0.76 -11.67
C ALA A 242 14.14 -2.28 -11.65
N ALA A 243 15.24 -2.95 -12.02
CA ALA A 243 15.29 -4.40 -11.97
C ALA A 243 15.16 -4.92 -10.54
N CYS A 244 15.80 -4.26 -9.58
CA CYS A 244 15.64 -4.64 -8.18
C CYS A 244 14.18 -4.49 -7.76
N ALA A 245 13.54 -3.39 -8.16
CA ALA A 245 12.12 -3.22 -7.87
C ALA A 245 11.30 -4.37 -8.44
N VAL A 246 11.54 -4.72 -9.70
CA VAL A 246 10.79 -5.78 -10.35
C VAL A 246 11.00 -7.10 -9.65
N GLY A 247 12.26 -7.40 -9.29
CA GLY A 247 12.54 -8.67 -8.63
C GLY A 247 11.88 -8.78 -7.26
N VAL A 248 11.99 -7.72 -6.45
CA VAL A 248 11.39 -7.78 -5.11
C VAL A 248 9.87 -7.86 -5.23
N GLY A 249 9.28 -7.17 -6.22
CA GLY A 249 7.85 -7.26 -6.42
C GLY A 249 7.41 -8.64 -6.86
N CYS A 250 8.14 -9.25 -7.79
CA CYS A 250 7.75 -10.55 -8.32
C CYS A 250 8.02 -11.68 -7.33
N CYS A 251 8.90 -11.44 -6.36
CA CYS A 251 9.16 -12.46 -5.35
C CYS A 251 7.90 -12.78 -4.55
N PHE A 252 7.23 -11.76 -4.02
CA PHE A 252 6.05 -11.93 -3.19
C PHE A 252 4.76 -11.85 -3.98
N ALA A 253 4.82 -11.62 -5.29
CA ALA A 253 3.65 -11.30 -6.10
C ALA A 253 2.93 -10.08 -5.52
N ALA A 254 3.72 -9.16 -4.96
CA ALA A 254 3.22 -7.95 -4.33
C ALA A 254 3.92 -6.77 -4.99
N PRO A 255 3.38 -6.26 -6.10
CA PRO A 255 4.11 -5.25 -6.88
C PRO A 255 4.42 -3.98 -6.13
N ILE A 256 3.43 -3.30 -5.55
CA ILE A 256 3.69 -2.03 -4.87
C ILE A 256 4.57 -2.26 -3.63
N GLY A 257 4.21 -3.26 -2.83
CA GLY A 257 5.02 -3.57 -1.67
C GLY A 257 6.43 -3.98 -2.02
N GLY A 258 6.58 -4.73 -3.12
CA GLY A 258 7.91 -5.10 -3.57
C GLY A 258 8.74 -3.91 -4.02
N VAL A 259 8.12 -2.99 -4.76
CA VAL A 259 8.83 -1.79 -5.18
C VAL A 259 9.26 -0.98 -3.97
N LEU A 260 8.36 -0.83 -2.98
CA LEU A 260 8.71 -0.09 -1.78
C LEU A 260 9.83 -0.77 -0.99
N PHE A 261 9.78 -2.10 -0.91
CA PHE A 261 10.84 -2.84 -0.22
C PHE A 261 12.18 -2.64 -0.91
N SER A 262 12.19 -2.71 -2.24
CA SER A 262 13.41 -2.48 -3.01
C SER A 262 13.92 -1.06 -2.79
N ILE A 263 13.01 -0.08 -2.75
CA ILE A 263 13.41 1.29 -2.48
C ILE A 263 14.08 1.39 -1.12
N GLU A 264 13.50 0.72 -0.12
CA GLU A 264 14.01 0.82 1.23
C GLU A 264 15.38 0.15 1.39
N VAL A 265 15.57 -1.00 0.75
CA VAL A 265 16.76 -1.80 1.05
C VAL A 265 17.90 -1.51 0.06
N THR A 266 17.60 -1.16 -1.18
CA THR A 266 18.64 -1.03 -2.20
C THR A 266 19.14 0.40 -2.41
N SER A 267 18.60 1.38 -1.67
CA SER A 267 18.98 2.77 -1.93
C SER A 267 18.80 3.59 -0.66
N THR A 268 19.45 4.75 -0.64
CA THR A 268 19.30 5.73 0.42
C THR A 268 18.70 7.05 -0.07
N PHE A 269 19.07 7.51 -1.26
CA PHE A 269 18.48 8.68 -1.89
C PHE A 269 17.99 8.25 -3.27
N PHE A 270 16.68 8.27 -3.47
CA PHE A 270 16.08 7.67 -4.66
C PHE A 270 15.07 8.63 -5.26
N ALA A 271 15.15 8.79 -6.59
CA ALA A 271 14.29 9.73 -7.31
C ALA A 271 12.99 9.07 -7.74
N VAL A 272 11.92 9.87 -7.77
CA VAL A 272 10.59 9.33 -8.04
C VAL A 272 10.45 8.84 -9.47
N ARG A 273 11.33 9.27 -10.37
CA ARG A 273 11.25 8.83 -11.77
C ARG A 273 11.50 7.33 -11.88
N ASN A 274 12.57 6.84 -11.26
CA ASN A 274 12.84 5.42 -11.28
C ASN A 274 11.78 4.65 -10.51
N TYR A 275 11.19 5.29 -9.50
CA TYR A 275 10.05 4.72 -8.81
C TYR A 275 8.89 4.47 -9.78
N TRP A 276 8.58 5.47 -10.61
CA TRP A 276 7.52 5.31 -11.60
C TRP A 276 7.85 4.19 -12.58
N ARG A 277 9.09 4.15 -13.06
CA ARG A 277 9.46 3.12 -14.03
C ARG A 277 9.38 1.72 -13.41
N GLY A 278 9.86 1.58 -12.18
CA GLY A 278 9.78 0.29 -11.52
C GLY A 278 8.35 -0.13 -11.25
N PHE A 279 7.48 0.84 -10.91
CA PHE A 279 6.08 0.53 -10.70
C PHE A 279 5.43 0.04 -12.00
N PHE A 280 5.73 0.71 -13.12
CA PHE A 280 5.21 0.26 -14.41
C PHE A 280 5.66 -1.17 -14.72
N ALA A 281 6.96 -1.43 -14.58
CA ALA A 281 7.47 -2.75 -14.92
C ALA A 281 6.90 -3.82 -14.01
N ALA A 282 6.80 -3.54 -12.70
CA ALA A 282 6.24 -4.51 -11.77
C ALA A 282 4.77 -4.76 -12.05
N THR A 283 4.03 -3.71 -12.46
CA THR A 283 2.62 -3.90 -12.82
C THR A 283 2.49 -4.84 -13.99
N PHE A 284 3.30 -4.63 -15.04
CA PHE A 284 3.21 -5.49 -16.21
C PHE A 284 3.64 -6.91 -15.87
N SER A 285 4.64 -7.06 -15.00
CA SER A 285 5.06 -8.39 -14.56
C SER A 285 3.95 -9.11 -13.80
N ALA A 286 3.24 -8.39 -12.92
CA ALA A 286 2.13 -9.00 -12.20
C ALA A 286 1.01 -9.39 -13.15
N PHE A 287 0.74 -8.56 -14.16
CA PHE A 287 -0.28 -8.90 -15.15
C PHE A 287 0.10 -10.19 -15.87
N ILE A 288 1.36 -10.32 -16.28
CA ILE A 288 1.81 -11.54 -16.94
C ILE A 288 1.69 -12.73 -16.00
N PHE A 289 2.07 -12.55 -14.74
CA PHE A 289 2.01 -13.65 -13.78
C PHE A 289 0.57 -14.16 -13.62
N ARG A 290 -0.39 -13.23 -13.51
CA ARG A 290 -1.76 -13.65 -13.29
C ARG A 290 -2.39 -14.24 -14.56
N VAL A 291 -2.07 -13.69 -15.73
CA VAL A 291 -2.61 -14.27 -16.96
C VAL A 291 -2.01 -15.65 -17.20
N LEU A 292 -0.75 -15.85 -16.82
CA LEU A 292 -0.13 -17.16 -16.90
C LEU A 292 -0.79 -18.13 -15.93
N ALA A 293 -1.11 -17.67 -14.72
CA ALA A 293 -1.81 -18.53 -13.77
C ALA A 293 -3.19 -18.91 -14.29
N VAL A 294 -3.83 -18.01 -15.03
CA VAL A 294 -5.12 -18.33 -15.64
C VAL A 294 -4.96 -19.37 -16.74
N TRP A 295 -4.00 -19.15 -17.66
CA TRP A 295 -3.87 -20.03 -18.81
C TRP A 295 -3.46 -21.45 -18.42
N ASN A 296 -2.49 -21.58 -17.52
CA ASN A 296 -1.95 -22.90 -17.20
C ASN A 296 -2.78 -23.65 -16.17
N ARG A 297 -3.86 -23.05 -15.67
CA ARG A 297 -4.83 -23.74 -14.82
C ARG A 297 -4.16 -24.27 -13.56
N ASP A 298 -3.29 -23.44 -12.97
CA ASP A 298 -2.69 -23.79 -11.69
C ASP A 298 -3.70 -23.53 -10.56
N GLU A 299 -4.14 -22.29 -10.43
CA GLU A 299 -5.29 -21.93 -9.62
C GLU A 299 -6.48 -21.73 -10.56
N GLU A 300 -7.61 -21.31 -10.01
CA GLU A 300 -8.80 -21.11 -10.83
C GLU A 300 -8.63 -19.94 -11.79
N THR A 301 -8.40 -18.73 -11.26
CA THR A 301 -8.27 -17.52 -12.05
C THR A 301 -7.30 -16.58 -11.32
N ILE A 302 -7.35 -15.30 -11.66
CA ILE A 302 -6.49 -14.30 -11.05
C ILE A 302 -6.88 -14.14 -9.59
N THR A 303 -6.05 -14.64 -8.68
CA THR A 303 -6.34 -14.58 -7.25
C THR A 303 -5.08 -14.33 -6.44
N ALA A 304 -5.22 -14.28 -5.11
CA ALA A 304 -4.10 -14.05 -4.22
C ALA A 304 -3.36 -15.36 -3.93
N LEU A 305 -2.20 -15.23 -3.28
CA LEU A 305 -1.38 -16.39 -2.96
C LEU A 305 -1.66 -16.93 -1.55
N PHE A 306 -2.05 -16.07 -0.62
CA PHE A 306 -2.33 -16.44 0.76
C PHE A 306 -3.72 -15.95 1.16
N LYS A 307 -4.72 -16.28 0.34
CA LYS A 307 -6.10 -15.86 0.55
C LYS A 307 -6.55 -16.11 1.98
N THR A 308 -7.11 -15.08 2.59
CA THR A 308 -7.58 -15.15 3.96
C THR A 308 -9.02 -14.66 4.07
N ARG A 309 -9.70 -15.10 5.12
CA ARG A 309 -11.14 -14.85 5.30
C ARG A 309 -11.41 -14.27 6.68
N PHE A 310 -10.67 -13.24 7.08
CA PHE A 310 -11.01 -12.53 8.30
C PHE A 310 -12.31 -11.75 8.12
N ARG A 311 -13.16 -11.78 9.14
CA ARG A 311 -14.39 -11.01 9.11
C ARG A 311 -14.08 -9.52 9.15
N LEU A 312 -14.93 -8.73 8.49
CA LEU A 312 -14.69 -7.31 8.33
C LEU A 312 -15.37 -6.46 9.40
N ASP A 313 -16.28 -7.02 10.19
CA ASP A 313 -17.02 -6.22 11.17
C ASP A 313 -16.09 -5.61 12.22
N PHE A 314 -15.52 -6.44 13.07
CA PHE A 314 -14.55 -6.02 14.09
C PHE A 314 -13.31 -6.89 13.99
N PRO A 315 -12.43 -6.59 13.03
CA PRO A 315 -11.16 -7.35 12.93
C PRO A 315 -10.38 -7.35 14.23
N PHE A 316 -10.40 -6.23 14.95
CA PHE A 316 -9.69 -6.10 16.22
C PHE A 316 -10.46 -5.15 17.13
N ASP A 317 -10.21 -5.27 18.43
CA ASP A 317 -10.77 -4.35 19.41
C ASP A 317 -9.67 -3.44 19.94
N LEU A 318 -10.09 -2.32 20.53
CA LEU A 318 -9.12 -1.37 21.07
C LEU A 318 -8.38 -1.93 22.26
N GLN A 319 -9.01 -2.85 23.00
CA GLN A 319 -8.33 -3.49 24.12
C GLN A 319 -7.22 -4.41 23.65
N GLU A 320 -7.23 -4.82 22.38
CA GLU A 320 -6.21 -5.70 21.84
C GLU A 320 -4.97 -4.97 21.35
N LEU A 321 -5.00 -3.64 21.30
CA LEU A 321 -3.85 -2.86 20.83
C LEU A 321 -2.59 -3.09 21.67
N PRO A 322 -2.63 -3.12 23.00
CA PRO A 322 -1.39 -3.38 23.74
C PRO A 322 -0.77 -4.72 23.40
N ALA A 323 -1.58 -5.74 23.11
CA ALA A 323 -1.03 -7.02 22.67
C ALA A 323 -0.25 -6.86 21.38
N PHE A 324 -0.79 -6.10 20.43
CA PHE A 324 -0.09 -5.87 19.17
C PHE A 324 1.20 -5.09 19.39
N ALA A 325 1.18 -4.12 20.30
CA ALA A 325 2.39 -3.37 20.62
C ALA A 325 3.45 -4.28 21.22
N VAL A 326 3.05 -5.18 22.11
CA VAL A 326 3.98 -6.13 22.70
C VAL A 326 4.55 -7.04 21.62
N ILE A 327 3.70 -7.49 20.69
CA ILE A 327 4.19 -8.32 19.59
C ILE A 327 5.24 -7.57 18.79
N GLY A 328 4.97 -6.30 18.49
CA GLY A 328 5.92 -5.49 17.75
C GLY A 328 7.26 -5.32 18.45
N ILE A 329 7.23 -5.00 19.76
CA ILE A 329 8.46 -4.79 20.51
C ILE A 329 9.26 -6.10 20.59
N ALA A 330 8.57 -7.19 20.90
CA ALA A 330 9.25 -8.48 21.00
C ALA A 330 9.82 -8.90 19.65
N SER A 331 9.11 -8.58 18.56
CA SER A 331 9.61 -8.90 17.23
C SER A 331 10.84 -8.06 16.88
N GLY A 332 10.87 -6.80 17.33
CA GLY A 332 12.08 -6.00 17.13
C GLY A 332 13.27 -6.59 17.87
N PHE A 333 13.06 -6.98 19.13
CA PHE A 333 14.13 -7.63 19.87
C PHE A 333 14.57 -8.93 19.18
N GLY A 334 13.61 -9.72 18.71
CA GLY A 334 13.94 -10.96 18.04
C GLY A 334 14.70 -10.76 16.75
N GLY A 335 14.36 -9.73 15.98
CA GLY A 335 15.10 -9.44 14.76
C GLY A 335 16.53 -9.00 15.05
N ALA A 336 16.71 -8.14 16.05
CA ALA A 336 18.07 -7.75 16.43
C ALA A 336 18.87 -8.97 16.89
N LEU A 337 18.24 -9.83 17.69
CA LEU A 337 18.92 -11.03 18.16
C LEU A 337 19.25 -11.97 17.02
N PHE A 338 18.36 -12.09 16.03
CA PHE A 338 18.63 -12.94 14.88
C PHE A 338 19.84 -12.44 14.10
N VAL A 339 19.90 -11.12 13.86
CA VAL A 339 21.05 -10.55 13.16
C VAL A 339 22.33 -10.79 13.95
N TYR A 340 22.26 -10.57 15.28
CA TYR A 340 23.42 -10.79 16.13
C TYR A 340 23.90 -12.24 16.07
N LEU A 341 22.96 -13.18 16.16
CA LEU A 341 23.30 -14.59 16.15
C LEU A 341 23.91 -14.99 14.82
N ASN A 342 23.35 -14.49 13.72
CA ASN A 342 23.91 -14.79 12.40
C ASN A 342 25.35 -14.28 12.30
N ARG A 343 25.58 -13.04 12.74
CA ARG A 343 26.91 -12.47 12.66
C ARG A 343 27.90 -13.24 13.52
N LYS A 344 27.49 -13.63 14.73
CA LYS A 344 28.39 -14.38 15.60
C LYS A 344 28.66 -15.78 15.08
N ILE A 345 27.67 -16.40 14.44
CA ILE A 345 27.91 -17.70 13.80
C ILE A 345 28.96 -17.56 12.71
N VAL A 346 28.82 -16.52 11.86
CA VAL A 346 29.81 -16.31 10.81
C VAL A 346 31.19 -16.07 11.42
N GLN A 347 31.25 -15.24 12.46
CA GLN A 347 32.53 -14.89 13.06
C GLN A 347 33.22 -16.11 13.67
N VAL A 348 32.46 -16.92 14.41
CA VAL A 348 33.04 -18.11 15.04
C VAL A 348 33.48 -19.11 13.99
N MET A 349 32.65 -19.32 12.96
CA MET A 349 32.99 -20.27 11.91
C MET A 349 34.25 -19.84 11.17
N ARG A 350 34.38 -18.55 10.87
CA ARG A 350 35.51 -18.06 10.09
C ARG A 350 36.78 -17.98 10.92
N LYS A 351 36.66 -17.66 12.21
CA LYS A 351 37.84 -17.35 13.01
C LYS A 351 38.63 -18.61 13.37
N GLN A 352 37.93 -19.70 13.68
CA GLN A 352 38.58 -20.89 14.22
C GLN A 352 39.53 -21.47 13.17
N LYS A 353 40.80 -21.65 13.56
CA LYS A 353 41.82 -22.12 12.62
C LYS A 353 41.55 -23.54 12.16
N THR A 354 41.16 -24.43 13.08
CA THR A 354 40.87 -25.81 12.70
C THR A 354 39.68 -25.90 11.76
N ILE A 355 38.64 -25.10 12.04
CA ILE A 355 37.46 -25.08 11.16
C ILE A 355 37.83 -24.53 9.80
N ASN A 356 38.71 -23.51 9.77
CA ASN A 356 39.19 -22.99 8.50
C ASN A 356 39.97 -24.06 7.73
N ARG A 357 40.77 -24.87 8.44
CA ARG A 357 41.50 -25.95 7.79
C ARG A 357 40.53 -26.97 7.19
N PHE A 358 39.53 -27.39 7.96
CA PHE A 358 38.54 -28.33 7.45
C PHE A 358 37.75 -27.73 6.30
N LEU A 359 37.60 -26.40 6.27
CA LEU A 359 37.02 -25.74 5.12
C LEU A 359 37.90 -25.87 3.90
N MET A 360 39.19 -25.56 4.04
CA MET A 360 40.06 -25.54 2.87
C MET A 360 40.37 -26.95 2.37
N ARG A 361 40.11 -27.97 3.17
CA ARG A 361 40.21 -29.32 2.63
C ARG A 361 38.85 -29.92 2.26
N LYS A 362 37.81 -29.62 3.03
CA LYS A 362 36.52 -30.31 2.92
C LYS A 362 35.37 -29.30 2.93
N ARG A 363 35.48 -28.29 2.06
CA ARG A 363 34.48 -27.21 2.02
C ARG A 363 33.06 -27.76 1.84
N LEU A 364 32.89 -28.80 1.03
CA LEU A 364 31.56 -29.33 0.76
C LEU A 364 30.95 -30.06 1.95
N LEU A 365 31.73 -30.37 2.98
CA LEU A 365 31.22 -31.16 4.09
C LEU A 365 30.30 -30.35 4.99
N PHE A 366 30.52 -29.03 5.08
CA PHE A 366 29.75 -28.21 5.99
C PHE A 366 28.26 -28.13 5.63
N PRO A 367 27.87 -27.85 4.37
CA PRO A 367 26.44 -27.90 4.05
C PRO A 367 25.82 -29.27 4.26
N ALA A 368 26.56 -30.33 3.95
CA ALA A 368 26.04 -31.67 4.18
C ALA A 368 25.79 -31.93 5.65
N LEU A 369 26.72 -31.49 6.51
CA LEU A 369 26.57 -31.71 7.94
C LEU A 369 25.40 -30.92 8.50
N VAL A 370 25.23 -29.67 8.08
CA VAL A 370 24.14 -28.87 8.63
C VAL A 370 22.80 -29.39 8.14
N THR A 371 22.73 -29.82 6.88
CA THR A 371 21.51 -30.43 6.37
C THR A 371 21.20 -31.73 7.10
N LEU A 372 22.24 -32.52 7.40
CA LEU A 372 22.07 -33.71 8.23
C LEU A 372 21.41 -33.35 9.56
N LEU A 373 21.98 -32.36 10.25
CA LEU A 373 21.45 -31.96 11.56
C LEU A 373 20.00 -31.54 11.48
N ILE A 374 19.69 -30.63 10.54
CA ILE A 374 18.34 -30.08 10.46
C ILE A 374 17.34 -31.17 10.06
N SER A 375 17.65 -31.94 9.01
CA SER A 375 16.72 -32.95 8.55
C SER A 375 16.50 -34.04 9.60
N THR A 376 17.54 -34.36 10.37
CA THR A 376 17.35 -35.27 11.50
C THR A 376 16.42 -34.66 12.53
N LEU A 377 16.55 -33.35 12.78
CA LEU A 377 15.72 -32.72 13.80
C LEU A 377 14.29 -32.49 13.32
N THR A 378 14.02 -32.68 12.03
CA THR A 378 12.70 -32.41 11.47
C THR A 378 12.00 -33.67 10.94
N PHE A 379 12.42 -34.84 11.40
CA PHE A 379 11.81 -36.09 10.94
C PHE A 379 10.38 -36.19 11.41
N PRO A 380 9.39 -36.32 10.51
CA PRO A 380 7.97 -36.24 10.91
C PRO A 380 7.59 -37.24 11.98
N PRO A 381 7.89 -38.54 11.82
CA PRO A 381 7.69 -39.46 12.94
C PRO A 381 8.88 -39.62 13.87
N GLY A 382 9.85 -38.70 13.81
CA GLY A 382 10.89 -38.59 14.82
C GLY A 382 10.67 -37.38 15.70
N PHE A 383 11.40 -36.30 15.42
CA PHE A 383 11.20 -35.06 16.16
C PHE A 383 10.28 -34.07 15.43
N GLY A 384 9.87 -34.38 14.20
CA GLY A 384 9.05 -33.46 13.45
C GLY A 384 7.60 -33.41 13.90
N GLN A 385 7.20 -34.34 14.77
CA GLN A 385 5.85 -34.29 15.31
C GLN A 385 5.67 -33.12 16.27
N PHE A 386 6.76 -32.60 16.82
CA PHE A 386 6.73 -31.44 17.70
C PHE A 386 6.99 -30.13 16.96
N MET A 387 7.18 -30.18 15.64
CA MET A 387 7.54 -28.99 14.87
C MET A 387 6.81 -28.88 13.54
N ALA A 388 5.74 -29.63 13.32
CA ALA A 388 5.05 -29.67 12.04
C ALA A 388 6.03 -29.97 10.91
N GLY A 389 6.89 -30.96 11.14
CA GLY A 389 7.95 -31.28 10.22
C GLY A 389 7.50 -31.78 8.87
N GLN A 390 6.24 -32.22 8.76
CA GLN A 390 5.71 -32.64 7.47
C GLN A 390 5.21 -31.46 6.64
N LEU A 391 5.30 -30.25 7.16
CA LEU A 391 4.81 -29.05 6.48
C LEU A 391 5.96 -28.27 5.86
N SER A 392 5.86 -28.00 4.56
CA SER A 392 6.78 -27.10 3.90
C SER A 392 6.45 -25.65 4.29
N GLN A 393 7.36 -24.74 3.96
CA GLN A 393 7.21 -23.36 4.44
C GLN A 393 5.93 -22.71 3.92
N LYS A 394 5.63 -22.88 2.64
CA LYS A 394 4.46 -22.24 2.06
C LYS A 394 3.18 -22.72 2.72
N GLU A 395 2.99 -24.03 2.84
CA GLU A 395 1.78 -24.53 3.46
C GLU A 395 1.81 -24.37 4.97
N THR A 396 3.00 -24.28 5.57
CA THR A 396 3.09 -23.89 6.97
C THR A 396 2.51 -22.51 7.19
N LEU A 397 2.89 -21.55 6.33
CA LEU A 397 2.35 -20.20 6.43
C LEU A 397 0.85 -20.19 6.16
N VAL A 398 0.41 -20.96 5.16
CA VAL A 398 -1.02 -21.03 4.86
C VAL A 398 -1.80 -21.55 6.05
N THR A 399 -1.30 -22.60 6.70
CA THR A 399 -1.96 -23.12 7.89
C THR A 399 -1.95 -22.11 9.03
N LEU A 400 -0.84 -21.39 9.20
CA LEU A 400 -0.76 -20.39 10.26
C LEU A 400 -1.73 -19.24 10.05
N PHE A 401 -1.98 -18.85 8.80
CA PHE A 401 -2.85 -17.71 8.50
C PHE A 401 -4.32 -18.09 8.41
N ASP A 402 -4.72 -19.25 8.93
CA ASP A 402 -6.12 -19.64 8.89
C ASP A 402 -6.95 -18.80 9.84
N ASN A 403 -8.26 -18.76 9.60
CA ASN A 403 -9.17 -17.93 10.38
C ASN A 403 -9.77 -18.65 11.58
N ARG A 404 -9.58 -19.96 11.71
CA ARG A 404 -10.17 -20.70 12.82
C ARG A 404 -9.29 -20.58 14.07
N THR A 405 -9.93 -20.73 15.22
CA THR A 405 -9.26 -20.64 16.51
C THR A 405 -8.97 -22.06 17.02
N TRP A 406 -7.69 -22.35 17.24
CA TRP A 406 -7.29 -23.72 17.55
C TRP A 406 -7.61 -24.07 19.00
N VAL A 407 -7.50 -23.10 19.91
CA VAL A 407 -7.68 -23.39 21.33
C VAL A 407 -9.12 -23.76 21.65
N ARG A 408 -10.08 -23.23 20.89
CA ARG A 408 -11.49 -23.54 21.09
C ARG A 408 -11.98 -24.62 20.15
N GLN A 409 -11.07 -25.33 19.47
CA GLN A 409 -11.48 -26.41 18.60
C GLN A 409 -12.03 -27.60 19.38
N GLY A 410 -11.89 -27.61 20.70
CA GLY A 410 -12.46 -28.67 21.51
C GLY A 410 -13.95 -28.61 21.70
N LEU A 411 -14.60 -27.51 21.29
CA LEU A 411 -16.04 -27.37 21.40
C LEU A 411 -16.74 -27.14 20.07
N VAL A 412 -16.03 -26.69 19.04
CA VAL A 412 -16.65 -26.33 17.76
C VAL A 412 -16.10 -27.25 16.68
N GLU A 413 -15.80 -28.50 17.06
CA GLU A 413 -15.31 -29.50 16.12
C GLU A 413 -16.41 -30.46 15.70
N GLU A 414 -17.65 -29.96 15.59
CA GLU A 414 -18.78 -30.77 15.19
C GLU A 414 -19.45 -30.32 13.90
N LEU A 415 -19.17 -29.11 13.44
CA LEU A 415 -19.79 -28.56 12.24
C LEU A 415 -18.75 -28.13 11.20
N GLU A 416 -17.52 -28.58 11.35
CA GLU A 416 -16.44 -28.21 10.44
C GLU A 416 -15.61 -29.43 10.10
N PRO A 417 -15.08 -29.49 8.89
CA PRO A 417 -14.21 -30.62 8.51
C PRO A 417 -12.87 -30.54 9.20
N PRO A 418 -12.15 -31.66 9.34
CA PRO A 418 -10.81 -31.62 9.94
C PRO A 418 -9.82 -30.90 9.05
N SER A 419 -9.29 -29.78 9.53
CA SER A 419 -8.39 -28.95 8.75
C SER A 419 -6.95 -29.44 8.87
N THR A 420 -6.07 -28.83 8.07
CA THR A 420 -4.65 -29.15 8.11
C THR A 420 -4.03 -28.67 9.42
N SER A 421 -4.75 -27.83 10.17
CA SER A 421 -4.22 -27.28 11.41
C SER A 421 -3.98 -28.35 12.48
N GLN A 422 -4.48 -29.56 12.28
CA GLN A 422 -4.25 -30.65 13.22
C GLN A 422 -2.76 -30.93 13.41
N ALA A 423 -1.92 -30.60 12.41
CA ALA A 423 -0.49 -30.83 12.53
C ALA A 423 0.14 -30.07 13.68
N TRP A 424 -0.48 -28.97 14.13
CA TRP A 424 -0.02 -28.23 15.29
C TRP A 424 -0.58 -28.78 16.59
N ASN A 425 -1.34 -29.87 16.54
CA ASN A 425 -1.95 -30.48 17.71
C ASN A 425 -1.57 -31.95 17.76
N PRO A 426 -0.34 -32.27 18.14
CA PRO A 426 0.04 -33.67 18.28
C PRO A 426 -0.71 -34.31 19.44
N PRO A 427 -0.90 -35.63 19.40
CA PRO A 427 -1.71 -36.28 20.45
C PRO A 427 -1.19 -36.09 21.87
N ARG A 428 0.13 -35.99 22.07
CA ARG A 428 0.69 -35.93 23.40
C ARG A 428 1.00 -34.53 23.89
N ALA A 429 1.08 -33.54 23.00
CA ALA A 429 1.44 -32.18 23.39
C ALA A 429 0.36 -31.22 22.91
N ASN A 430 0.09 -30.20 23.73
CA ASN A 430 -0.89 -29.19 23.35
C ASN A 430 -0.31 -28.25 22.30
N VAL A 431 -1.15 -27.33 21.83
CA VAL A 431 -0.76 -26.43 20.75
C VAL A 431 0.35 -25.50 21.21
N PHE A 432 0.26 -24.99 22.44
CA PHE A 432 1.21 -24.00 22.93
C PHE A 432 2.63 -24.57 22.99
N LEU A 433 2.76 -25.81 23.47
CA LEU A 433 4.07 -26.45 23.51
C LEU A 433 4.64 -26.60 22.10
N THR A 434 3.80 -27.01 21.15
CA THR A 434 4.27 -27.14 19.78
C THR A 434 4.76 -25.80 19.24
N LEU A 435 4.00 -24.74 19.48
CA LEU A 435 4.40 -23.42 18.99
C LEU A 435 5.72 -22.96 19.62
N VAL A 436 5.88 -23.14 20.92
CA VAL A 436 7.08 -22.64 21.57
C VAL A 436 8.30 -23.45 21.14
N ILE A 437 8.16 -24.77 21.01
CA ILE A 437 9.27 -25.58 20.52
C ILE A 437 9.62 -25.21 19.09
N PHE A 438 8.59 -25.00 18.25
CA PHE A 438 8.83 -24.63 16.85
C PHE A 438 9.58 -23.32 16.76
N ILE A 439 9.18 -22.33 17.55
CA ILE A 439 9.88 -21.04 17.54
C ILE A 439 11.32 -21.21 18.01
N LEU A 440 11.50 -21.83 19.17
CA LEU A 440 12.82 -21.89 19.79
C LEU A 440 13.77 -22.74 18.97
N MET A 441 13.26 -23.62 18.12
CA MET A 441 14.14 -24.38 17.24
C MET A 441 14.38 -23.63 15.93
N LYS A 442 13.29 -23.30 15.23
CA LYS A 442 13.41 -22.69 13.90
C LYS A 442 14.20 -21.41 13.92
N PHE A 443 14.23 -20.69 15.05
CA PHE A 443 15.06 -19.49 15.13
C PHE A 443 16.51 -19.81 14.80
N TRP A 444 17.14 -20.67 15.60
CA TRP A 444 18.54 -21.01 15.35
C TRP A 444 18.70 -21.80 14.06
N MET A 445 17.71 -22.62 13.69
CA MET A 445 17.80 -23.34 12.42
C MET A 445 17.95 -22.39 11.25
N SER A 446 17.08 -21.38 11.17
CA SER A 446 17.16 -20.39 10.10
C SER A 446 18.45 -19.58 10.19
N ALA A 447 18.83 -19.16 11.41
CA ALA A 447 20.03 -18.35 11.57
C ALA A 447 21.26 -19.09 11.08
N LEU A 448 21.36 -20.39 11.40
CA LEU A 448 22.51 -21.17 11.00
C LEU A 448 22.45 -21.54 9.52
N ALA A 449 21.25 -21.81 9.00
CA ALA A 449 21.12 -22.24 7.61
C ALA A 449 21.31 -21.08 6.64
N THR A 450 21.16 -19.84 7.12
CA THR A 450 21.43 -18.70 6.24
C THR A 450 22.90 -18.57 5.88
N THR A 451 23.80 -19.08 6.73
CA THR A 451 25.24 -18.94 6.55
C THR A 451 25.82 -19.97 5.60
N ILE A 452 25.00 -20.86 5.06
CA ILE A 452 25.48 -22.02 4.30
C ILE A 452 25.97 -21.53 2.94
N PRO A 453 27.07 -22.08 2.41
CA PRO A 453 27.56 -21.63 1.11
C PRO A 453 26.65 -22.01 -0.05
N VAL A 454 25.41 -21.53 0.00
CA VAL A 454 24.45 -21.74 -1.08
C VAL A 454 23.68 -20.46 -1.32
N PRO A 455 23.20 -20.27 -2.55
CA PRO A 455 22.37 -19.08 -2.83
C PRO A 455 21.03 -19.16 -2.11
N CYS A 456 20.83 -18.29 -1.12
CA CYS A 456 19.64 -18.37 -0.29
C CYS A 456 19.24 -16.97 0.16
N GLY A 457 18.01 -16.86 0.63
CA GLY A 457 17.50 -15.62 1.22
C GLY A 457 17.08 -15.88 2.65
N ALA A 458 16.77 -14.80 3.36
CA ALA A 458 16.43 -14.89 4.78
C ALA A 458 15.08 -14.27 5.12
N PHE A 459 14.27 -13.92 4.13
CA PHE A 459 12.99 -13.27 4.42
C PHE A 459 11.93 -14.29 4.83
N MET A 460 11.74 -15.32 4.01
CA MET A 460 10.71 -16.33 4.28
C MET A 460 10.89 -17.04 5.62
N PRO A 461 12.10 -17.49 6.02
CA PRO A 461 12.22 -18.13 7.34
C PRO A 461 11.81 -17.21 8.49
N VAL A 462 12.36 -16.00 8.52
CA VAL A 462 12.02 -15.05 9.56
C VAL A 462 10.54 -14.67 9.53
N PHE A 463 9.95 -14.56 8.35
CA PHE A 463 8.52 -14.30 8.22
C PHE A 463 7.70 -15.43 8.82
N VAL A 464 8.11 -16.68 8.60
CA VAL A 464 7.41 -17.81 9.19
C VAL A 464 7.52 -17.79 10.71
N ILE A 465 8.71 -17.49 11.25
CA ILE A 465 8.86 -17.40 12.71
C ILE A 465 7.98 -16.29 13.27
N GLY A 466 7.92 -15.14 12.59
CA GLY A 466 7.05 -14.07 13.05
C GLY A 466 5.59 -14.45 13.02
N ALA A 467 5.17 -15.14 11.96
CA ALA A 467 3.79 -15.59 11.87
C ALA A 467 3.45 -16.56 12.98
N ALA A 468 4.36 -17.49 13.27
CA ALA A 468 4.12 -18.44 14.35
C ALA A 468 4.07 -17.74 15.70
N PHE A 469 4.95 -16.76 15.92
CA PHE A 469 4.91 -15.99 17.16
C PHE A 469 3.58 -15.26 17.30
N GLY A 470 3.13 -14.61 16.23
CA GLY A 470 1.87 -13.91 16.26
C GLY A 470 0.70 -14.84 16.53
N ARG A 471 0.72 -16.03 15.91
CA ARG A 471 -0.32 -17.01 16.17
C ARG A 471 -0.30 -17.45 17.62
N LEU A 472 0.89 -17.66 18.18
CA LEU A 472 0.99 -18.03 19.59
C LEU A 472 0.39 -16.96 20.48
N VAL A 473 0.70 -15.69 20.20
CA VAL A 473 0.16 -14.60 21.01
C VAL A 473 -1.35 -14.53 20.87
N GLY A 474 -1.86 -14.70 19.65
CA GLY A 474 -3.31 -14.66 19.45
C GLY A 474 -4.03 -15.78 20.18
N GLU A 475 -3.48 -16.99 20.13
CA GLU A 475 -4.09 -18.11 20.85
C GLU A 475 -3.99 -17.91 22.35
N SER A 476 -2.89 -17.32 22.82
CA SER A 476 -2.78 -16.99 24.24
C SER A 476 -3.85 -15.98 24.65
N MET A 477 -4.11 -14.97 23.81
CA MET A 477 -5.16 -14.02 24.11
C MET A 477 -6.54 -14.68 24.10
N ALA A 478 -6.76 -15.61 23.17
CA ALA A 478 -8.02 -16.36 23.16
C ALA A 478 -8.18 -17.19 24.42
N ALA A 479 -7.10 -17.82 24.89
CA ALA A 479 -7.15 -18.57 26.13
C ALA A 479 -7.43 -17.65 27.33
N TRP A 480 -6.80 -16.48 27.34
CA TRP A 480 -7.06 -15.51 28.40
C TRP A 480 -8.51 -15.05 28.39
N PHE A 481 -9.08 -14.81 27.20
CA PHE A 481 -10.43 -14.27 27.05
C PHE A 481 -11.27 -15.34 26.36
N PRO A 482 -11.80 -16.30 27.12
CA PRO A 482 -12.52 -17.43 26.50
C PRO A 482 -13.72 -17.03 25.68
N ASP A 483 -14.46 -16.00 26.10
CA ASP A 483 -15.62 -15.52 25.37
C ASP A 483 -15.34 -14.27 24.57
N GLY A 484 -14.08 -13.89 24.42
CA GLY A 484 -13.73 -12.67 23.74
C GLY A 484 -14.13 -11.45 24.56
N ILE A 485 -14.21 -10.32 23.88
CA ILE A 485 -14.68 -9.07 24.47
C ILE A 485 -16.04 -8.75 23.85
N HIS A 486 -17.09 -8.85 24.65
CA HIS A 486 -18.44 -8.55 24.20
C HIS A 486 -18.67 -7.05 24.28
N THR A 487 -19.15 -6.47 23.17
CA THR A 487 -19.30 -5.03 23.06
C THR A 487 -20.72 -4.71 22.60
N ASP A 488 -21.39 -3.83 23.34
CA ASP A 488 -22.74 -3.37 23.00
C ASP A 488 -23.71 -4.55 22.91
N SER A 489 -23.66 -5.41 23.93
CA SER A 489 -24.53 -6.57 24.08
C SER A 489 -24.37 -7.58 22.95
N SER A 490 -23.29 -7.48 22.17
CA SER A 490 -23.02 -8.41 21.09
C SER A 490 -21.69 -9.12 21.35
N THR A 491 -21.52 -10.29 20.73
CA THR A 491 -20.35 -11.13 20.95
C THR A 491 -19.60 -11.28 19.63
N TYR A 492 -18.33 -10.88 19.63
CA TYR A 492 -17.43 -11.08 18.50
C TYR A 492 -16.15 -11.72 19.02
N ARG A 493 -15.77 -12.85 18.43
CA ARG A 493 -14.64 -13.62 18.94
C ARG A 493 -13.32 -13.04 18.43
N ILE A 494 -12.24 -13.40 19.13
CA ILE A 494 -10.91 -12.94 18.75
C ILE A 494 -10.40 -13.77 17.58
N VAL A 495 -9.68 -13.12 16.67
CA VAL A 495 -9.14 -13.79 15.49
C VAL A 495 -7.62 -13.80 15.56
N PRO A 496 -6.99 -14.92 15.92
CA PRO A 496 -5.52 -14.94 16.04
C PRO A 496 -4.79 -14.88 14.72
N GLY A 497 -5.48 -15.07 13.59
CA GLY A 497 -4.81 -14.95 12.30
C GLY A 497 -4.27 -13.57 12.05
N GLY A 498 -5.01 -12.54 12.45
CA GLY A 498 -4.50 -11.18 12.37
C GLY A 498 -3.28 -11.00 13.24
N TYR A 499 -3.26 -11.64 14.41
CA TYR A 499 -2.07 -11.59 15.26
C TYR A 499 -0.87 -12.22 14.57
N ALA A 500 -1.09 -13.35 13.88
CA ALA A 500 -0.01 -14.00 13.15
C ALA A 500 0.51 -13.09 12.03
N VAL A 501 -0.40 -12.46 11.30
CA VAL A 501 -0.01 -11.52 10.26
C VAL A 501 0.83 -10.39 10.83
N VAL A 502 0.36 -9.81 11.94
CA VAL A 502 1.06 -8.69 12.56
C VAL A 502 2.45 -9.11 13.02
N GLY A 503 2.54 -10.28 13.65
CA GLY A 503 3.84 -10.74 14.12
C GLY A 503 4.81 -11.01 12.98
N ALA A 504 4.33 -11.65 11.91
CA ALA A 504 5.19 -11.92 10.76
C ALA A 504 5.73 -10.63 10.17
N ALA A 505 4.83 -9.68 9.89
CA ALA A 505 5.27 -8.41 9.31
C ALA A 505 6.21 -7.66 10.24
N ALA A 506 5.90 -7.63 11.54
CA ALA A 506 6.72 -6.90 12.48
C ALA A 506 8.13 -7.48 12.57
N LEU A 507 8.25 -8.80 12.71
CA LEU A 507 9.59 -9.37 12.87
C LEU A 507 10.37 -9.31 11.57
N ALA A 508 9.70 -9.48 10.42
CA ALA A 508 10.39 -9.32 9.14
C ALA A 508 10.93 -7.90 8.98
N GLY A 509 10.10 -6.91 9.28
CA GLY A 509 10.57 -5.53 9.21
C GLY A 509 11.68 -5.24 10.19
N ALA A 510 11.62 -5.84 11.38
CA ALA A 510 12.69 -5.68 12.36
C ALA A 510 14.01 -6.24 11.83
N VAL A 511 13.96 -7.41 11.19
CA VAL A 511 15.19 -7.98 10.64
C VAL A 511 15.72 -7.12 9.50
N THR A 512 14.85 -6.71 8.58
CA THR A 512 15.31 -6.02 7.38
C THR A 512 15.36 -4.51 7.52
N HIS A 513 14.89 -3.94 8.64
CA HIS A 513 14.81 -2.50 8.84
C HIS A 513 14.05 -1.83 7.69
N THR A 514 12.79 -2.21 7.56
CA THR A 514 11.95 -1.71 6.48
C THR A 514 10.52 -1.55 7.00
N VAL A 515 9.84 -0.52 6.50
CA VAL A 515 8.47 -0.26 6.93
C VAL A 515 7.43 -0.74 5.92
N SER A 516 7.86 -1.10 4.70
CA SER A 516 6.91 -1.49 3.66
C SER A 516 6.47 -2.94 3.77
N THR A 517 6.96 -3.68 4.77
CA THR A 517 6.47 -5.03 4.99
C THR A 517 4.97 -5.03 5.25
N ALA A 518 4.45 -3.92 5.78
CA ALA A 518 3.00 -3.80 5.95
C ALA A 518 2.29 -3.84 4.61
N VAL A 519 2.78 -3.08 3.62
CA VAL A 519 2.18 -3.11 2.29
C VAL A 519 2.37 -4.49 1.67
N ILE A 520 3.52 -5.10 1.89
CA ILE A 520 3.79 -6.44 1.36
C ILE A 520 2.76 -7.43 1.87
N VAL A 521 2.50 -7.40 3.18
CA VAL A 521 1.59 -8.39 3.75
C VAL A 521 0.14 -8.03 3.45
N PHE A 522 -0.16 -6.75 3.22
CA PHE A 522 -1.48 -6.39 2.71
C PHE A 522 -1.72 -7.01 1.34
N GLU A 523 -0.72 -6.91 0.47
CA GLU A 523 -0.87 -7.45 -0.89
C GLU A 523 -0.82 -8.98 -0.87
N LEU A 524 -0.20 -9.57 0.14
CA LEU A 524 -0.19 -11.03 0.25
C LEU A 524 -1.52 -11.55 0.77
N THR A 525 -1.91 -11.15 1.98
CA THR A 525 -3.13 -11.68 2.58
C THR A 525 -4.37 -11.18 1.85
N GLY A 526 -4.31 -10.00 1.23
CA GLY A 526 -5.45 -9.46 0.52
C GLY A 526 -6.46 -8.72 1.37
N GLN A 527 -6.17 -8.51 2.66
CA GLN A 527 -7.08 -7.81 3.55
C GLN A 527 -6.33 -6.69 4.25
N ILE A 528 -6.91 -5.50 4.23
CA ILE A 528 -6.32 -4.34 4.90
C ILE A 528 -7.12 -3.98 6.16
N ALA A 529 -7.82 -4.95 6.75
CA ALA A 529 -8.59 -4.69 7.95
C ALA A 529 -7.69 -4.39 9.15
N HIS A 530 -6.51 -5.00 9.19
CA HIS A 530 -5.59 -4.86 10.32
C HIS A 530 -4.49 -3.84 10.07
N ILE A 531 -4.80 -2.74 9.37
CA ILE A 531 -3.76 -1.79 9.01
C ILE A 531 -3.14 -1.15 10.25
N LEU A 532 -3.98 -0.76 11.22
CA LEU A 532 -3.43 -0.12 12.43
C LEU A 532 -2.56 -1.05 13.25
N PRO A 533 -2.97 -2.29 13.57
CA PRO A 533 -2.08 -3.17 14.35
C PRO A 533 -0.76 -3.45 13.66
N VAL A 534 -0.78 -3.80 12.38
CA VAL A 534 0.46 -4.13 11.69
C VAL A 534 1.34 -2.90 11.55
N MET A 535 0.73 -1.73 11.35
CA MET A 535 1.50 -0.49 11.24
C MET A 535 2.19 -0.16 12.56
N ILE A 536 1.45 -0.26 13.67
CA ILE A 536 2.04 0.00 14.99
C ILE A 536 3.16 -0.99 15.27
N ALA A 537 2.93 -2.27 14.95
CA ALA A 537 3.94 -3.29 15.20
C ALA A 537 5.19 -3.05 14.37
N VAL A 538 5.03 -2.67 13.10
CA VAL A 538 6.19 -2.37 12.26
C VAL A 538 6.96 -1.18 12.83
N ILE A 539 6.25 -0.14 13.26
CA ILE A 539 6.90 1.01 13.86
C ILE A 539 7.73 0.59 15.08
N LEU A 540 7.10 -0.14 16.00
CA LEU A 540 7.80 -0.49 17.23
C LEU A 540 8.98 -1.42 16.96
N ALA A 541 8.78 -2.43 16.11
CA ALA A 541 9.85 -3.36 15.81
C ALA A 541 11.03 -2.68 15.14
N ASN A 542 10.76 -1.80 14.16
CA ASN A 542 11.83 -1.09 13.48
C ASN A 542 12.55 -0.17 14.46
N ALA A 543 11.81 0.49 15.34
CA ALA A 543 12.44 1.38 16.32
C ALA A 543 13.39 0.62 17.22
N VAL A 544 12.92 -0.49 17.81
CA VAL A 544 13.78 -1.26 18.72
C VAL A 544 14.97 -1.84 17.97
N ALA A 545 14.74 -2.40 16.77
CA ALA A 545 15.83 -2.98 16.00
C ALA A 545 16.89 -1.95 15.68
N GLN A 546 16.48 -0.77 15.21
CA GLN A 546 17.44 0.29 14.94
C GLN A 546 18.15 0.73 16.22
N SER A 547 17.45 0.68 17.36
CA SER A 547 18.09 1.02 18.63
C SER A 547 19.21 0.06 18.98
N LEU A 548 19.01 -1.25 18.79
CA LEU A 548 20.03 -2.21 19.20
C LEU A 548 21.00 -2.58 18.06
N GLN A 549 20.48 -3.16 16.98
CA GLN A 549 21.36 -3.84 16.05
C GLN A 549 21.14 -3.36 14.62
N PRO A 550 22.19 -3.32 13.80
CA PRO A 550 22.03 -2.97 12.39
C PRO A 550 21.29 -4.07 11.64
N SER A 551 20.90 -3.73 10.40
CA SER A 551 20.10 -4.63 9.60
C SER A 551 20.94 -5.84 9.17
N LEU A 552 20.23 -6.90 8.77
CA LEU A 552 20.91 -8.12 8.32
C LEU A 552 21.74 -7.86 7.08
N TYR A 553 21.21 -7.07 6.14
CA TYR A 553 21.96 -6.76 4.92
C TYR A 553 23.18 -5.92 5.24
N ASP A 554 23.05 -4.97 6.17
CA ASP A 554 24.22 -4.21 6.62
C ASP A 554 25.21 -5.11 7.32
N SER A 555 24.73 -6.08 8.10
CA SER A 555 25.64 -7.04 8.71
C SER A 555 26.43 -7.80 7.66
N ILE A 556 25.75 -8.25 6.60
CA ILE A 556 26.43 -8.98 5.53
C ILE A 556 27.44 -8.09 4.82
N ILE A 557 27.06 -6.85 4.54
CA ILE A 557 27.97 -5.95 3.82
C ILE A 557 29.19 -5.63 4.69
N ARG A 558 29.02 -5.59 6.01
CA ARG A 558 30.17 -5.35 6.88
C ARG A 558 31.06 -6.57 7.02
N ILE A 559 30.50 -7.76 7.19
CA ILE A 559 31.32 -8.95 7.35
C ILE A 559 32.00 -9.34 6.04
N LYS A 560 31.37 -9.07 4.91
CA LYS A 560 31.91 -9.45 3.62
C LYS A 560 32.72 -8.31 2.99
N GLU B 89 14.51 13.10 21.14
CA GLU B 89 13.54 14.17 21.25
C GLU B 89 12.82 14.39 19.93
N ASP B 90 13.25 13.65 18.90
CA ASP B 90 12.57 13.73 17.60
C ASP B 90 11.25 12.97 17.63
N TRP B 91 11.22 11.81 18.29
CA TRP B 91 10.02 10.99 18.32
C TRP B 91 8.88 11.71 19.04
N ILE B 92 9.17 12.38 20.15
CA ILE B 92 8.13 13.13 20.84
C ILE B 92 7.65 14.29 19.97
N PHE B 93 8.54 14.90 19.20
CA PHE B 93 8.13 15.94 18.26
C PHE B 93 7.14 15.39 17.24
N LEU B 94 7.44 14.21 16.69
CA LEU B 94 6.54 13.62 15.70
C LEU B 94 5.21 13.24 16.32
N VAL B 95 5.23 12.73 17.56
CA VAL B 95 3.98 12.37 18.24
C VAL B 95 3.12 13.60 18.45
N LEU B 96 3.73 14.70 18.92
CA LEU B 96 2.97 15.93 19.12
C LEU B 96 2.43 16.47 17.81
N LEU B 97 3.22 16.41 16.74
CA LEU B 97 2.75 16.85 15.43
C LEU B 97 1.54 16.04 14.99
N GLY B 98 1.61 14.71 15.11
CA GLY B 98 0.49 13.88 14.72
C GLY B 98 -0.76 14.16 15.54
N LEU B 99 -0.60 14.30 16.85
CA LEU B 99 -1.75 14.56 17.71
C LEU B 99 -2.42 15.88 17.36
N LEU B 100 -1.62 16.95 17.22
CA LEU B 100 -2.19 18.26 16.92
C LEU B 100 -2.87 18.26 15.55
N MET B 101 -2.23 17.64 14.56
CA MET B 101 -2.83 17.58 13.23
C MET B 101 -4.12 16.77 13.22
N ALA B 102 -4.16 15.68 13.99
CA ALA B 102 -5.39 14.91 14.10
C ALA B 102 -6.51 15.73 14.71
N LEU B 103 -6.21 16.48 15.78
CA LEU B 103 -7.23 17.31 16.40
C LEU B 103 -7.75 18.37 15.43
N VAL B 104 -6.84 19.01 14.70
CA VAL B 104 -7.25 20.05 13.75
C VAL B 104 -8.12 19.45 12.65
N SER B 105 -7.72 18.29 12.11
CA SER B 105 -8.50 17.65 11.07
C SER B 105 -9.88 17.28 11.57
N TRP B 106 -9.98 16.74 12.79
CA TRP B 106 -11.29 16.32 13.28
C TRP B 106 -12.20 17.51 13.54
N VAL B 107 -11.67 18.59 14.13
CA VAL B 107 -12.54 19.74 14.38
C VAL B 107 -12.98 20.37 13.07
N MET B 108 -12.09 20.39 12.06
CA MET B 108 -12.48 20.92 10.77
C MET B 108 -13.57 20.08 10.12
N ASP B 109 -13.48 18.77 10.23
CA ASP B 109 -14.50 17.94 9.59
C ASP B 109 -15.81 18.01 10.35
N TYR B 110 -15.75 18.17 11.67
CA TYR B 110 -16.97 18.38 12.43
C TYR B 110 -17.66 19.68 12.00
N ALA B 111 -16.88 20.76 11.86
CA ALA B 111 -17.47 22.02 11.43
C ALA B 111 -18.08 21.93 10.04
N ILE B 112 -17.38 21.27 9.12
CA ILE B 112 -17.91 21.13 7.76
C ILE B 112 -19.19 20.32 7.75
N ALA B 113 -19.23 19.21 8.50
CA ALA B 113 -20.43 18.39 8.57
C ALA B 113 -21.59 19.18 9.17
N ALA B 114 -21.31 19.97 10.21
CA ALA B 114 -22.35 20.81 10.79
C ALA B 114 -22.89 21.81 9.78
N CYS B 115 -22.00 22.43 9.02
CA CYS B 115 -22.45 23.40 8.02
C CYS B 115 -23.32 22.76 6.95
N LEU B 116 -22.90 21.59 6.44
CA LEU B 116 -23.70 20.92 5.41
C LEU B 116 -25.05 20.46 5.95
N GLN B 117 -25.09 19.91 7.17
CA GLN B 117 -26.36 19.45 7.71
C GLN B 117 -27.28 20.63 7.99
N ALA B 118 -26.71 21.77 8.42
CA ALA B 118 -27.53 22.97 8.60
C ALA B 118 -28.10 23.45 7.27
N GLN B 119 -27.29 23.40 6.20
CA GLN B 119 -27.80 23.77 4.88
C GLN B 119 -28.95 22.86 4.47
N GLN B 120 -28.79 21.55 4.67
CA GLN B 120 -29.85 20.61 4.31
C GLN B 120 -31.11 20.85 5.11
N TRP B 121 -30.98 21.11 6.42
CA TRP B 121 -32.14 21.37 7.26
C TRP B 121 -32.86 22.64 6.81
N MET B 122 -32.10 23.70 6.51
CA MET B 122 -32.70 24.93 6.03
C MET B 122 -33.43 24.71 4.71
N SER B 123 -32.83 23.93 3.80
CA SER B 123 -33.48 23.64 2.53
C SER B 123 -34.78 22.87 2.73
N ARG B 124 -34.77 21.89 3.63
CA ARG B 124 -35.96 21.07 3.84
C ARG B 124 -37.06 21.83 4.58
N GLY B 125 -36.70 22.76 5.47
CA GLY B 125 -37.70 23.46 6.25
C GLY B 125 -38.51 24.49 5.51
N LEU B 126 -38.01 24.99 4.38
CA LEU B 126 -38.67 26.05 3.62
C LEU B 126 -39.33 25.49 2.35
N ASN B 127 -39.77 24.24 2.40
CA ASN B 127 -40.36 23.58 1.24
C ASN B 127 -41.76 24.09 0.92
N THR B 128 -42.31 25.00 1.73
CA THR B 128 -43.65 25.52 1.46
C THR B 128 -43.72 26.25 0.13
N SER B 129 -42.71 27.05 -0.20
CA SER B 129 -42.68 27.79 -1.45
C SER B 129 -41.35 27.56 -2.15
N ILE B 130 -41.41 27.40 -3.47
CA ILE B 130 -40.20 27.11 -4.25
C ILE B 130 -39.28 28.34 -4.30
N LEU B 131 -39.85 29.55 -4.37
CA LEU B 131 -39.02 30.74 -4.49
C LEU B 131 -38.15 30.95 -3.26
N LEU B 132 -38.73 30.73 -2.07
CA LEU B 132 -37.94 30.85 -0.84
C LEU B 132 -36.85 29.79 -0.79
N GLN B 133 -37.15 28.57 -1.25
CA GLN B 133 -36.13 27.53 -1.34
C GLN B 133 -34.99 27.97 -2.23
N TYR B 134 -35.31 28.53 -3.40
CA TYR B 134 -34.26 28.99 -4.31
C TYR B 134 -33.44 30.11 -3.68
N LEU B 135 -34.12 31.06 -3.02
CA LEU B 135 -33.39 32.16 -2.40
C LEU B 135 -32.43 31.67 -1.34
N ALA B 136 -32.87 30.75 -0.49
CA ALA B 136 -31.99 30.20 0.53
C ALA B 136 -30.83 29.44 -0.11
N TRP B 137 -31.14 28.53 -1.04
CA TRP B 137 -30.14 27.69 -1.68
C TRP B 137 -29.10 28.51 -2.44
N VAL B 138 -29.46 29.70 -2.90
CA VAL B 138 -28.50 30.55 -3.60
C VAL B 138 -27.73 31.44 -2.64
N THR B 139 -28.42 32.07 -1.68
CA THR B 139 -27.75 33.04 -0.82
C THR B 139 -26.80 32.38 0.17
N TYR B 140 -27.14 31.18 0.66
CA TYR B 140 -26.28 30.56 1.68
C TYR B 140 -24.86 30.31 1.16
N PRO B 141 -24.63 29.51 0.12
CA PRO B 141 -23.25 29.30 -0.32
C PRO B 141 -22.57 30.58 -0.76
N VAL B 142 -23.32 31.52 -1.35
CA VAL B 142 -22.76 32.81 -1.70
C VAL B 142 -22.26 33.53 -0.47
N VAL B 143 -23.05 33.50 0.61
CA VAL B 143 -22.63 34.16 1.86
C VAL B 143 -21.36 33.52 2.39
N LEU B 144 -21.31 32.19 2.43
CA LEU B 144 -20.11 31.53 2.94
C LEU B 144 -18.88 31.84 2.09
N ILE B 145 -18.99 31.76 0.78
CA ILE B 145 -17.82 31.99 -0.08
C ILE B 145 -17.37 33.44 0.04
N THR B 146 -18.32 34.39 0.05
CA THR B 146 -17.94 35.79 0.18
C THR B 146 -17.26 36.06 1.51
N PHE B 147 -17.80 35.51 2.61
CA PHE B 147 -17.17 35.71 3.90
C PHE B 147 -15.78 35.11 3.94
N SER B 148 -15.61 33.92 3.35
CA SER B 148 -14.28 33.28 3.33
C SER B 148 -13.28 34.14 2.57
N ALA B 149 -13.66 34.60 1.37
CA ALA B 149 -12.75 35.43 0.59
C ALA B 149 -12.41 36.72 1.33
N GLY B 150 -13.41 37.36 1.95
CA GLY B 150 -13.17 38.58 2.66
C GLY B 150 -12.24 38.40 3.85
N PHE B 151 -12.48 37.36 4.65
CA PHE B 151 -11.63 37.11 5.80
C PHE B 151 -10.20 36.82 5.37
N THR B 152 -10.02 36.03 4.30
CA THR B 152 -8.68 35.75 3.82
C THR B 152 -7.97 37.01 3.35
N GLN B 153 -8.67 37.88 2.62
CA GLN B 153 -7.99 39.06 2.10
C GLN B 153 -7.70 40.07 3.20
N ILE B 154 -8.55 40.13 4.24
CA ILE B 154 -8.24 40.98 5.38
C ILE B 154 -7.03 40.45 6.16
N LEU B 155 -7.04 39.18 6.52
CA LEU B 155 -6.07 38.70 7.49
C LEU B 155 -4.75 38.31 6.83
N ALA B 156 -4.78 37.34 5.91
CA ALA B 156 -3.55 36.86 5.26
C ALA B 156 -3.89 36.43 3.84
N PRO B 157 -3.62 37.27 2.84
CA PRO B 157 -3.86 36.86 1.45
C PRO B 157 -3.02 35.69 1.00
N GLN B 158 -1.82 35.49 1.58
CA GLN B 158 -0.93 34.43 1.12
C GLN B 158 -1.54 33.04 1.33
N ALA B 159 -2.44 32.88 2.30
CA ALA B 159 -3.07 31.58 2.53
C ALA B 159 -3.96 31.14 1.38
N VAL B 160 -4.34 32.06 0.49
CA VAL B 160 -5.18 31.70 -0.64
C VAL B 160 -4.41 30.81 -1.60
N GLY B 161 -5.06 29.76 -2.08
CA GLY B 161 -4.47 28.84 -3.02
C GLY B 161 -4.48 27.40 -2.51
N SER B 162 -3.86 26.53 -3.31
CA SER B 162 -3.81 25.12 -2.94
C SER B 162 -2.90 24.89 -1.74
N GLY B 163 -1.62 25.20 -1.88
CA GLY B 163 -0.68 25.02 -0.81
C GLY B 163 0.40 23.98 -1.04
N ILE B 164 0.22 23.12 -2.05
CA ILE B 164 1.25 22.12 -2.39
C ILE B 164 2.35 22.75 -3.22
N PRO B 165 2.06 23.52 -4.29
CA PRO B 165 3.16 24.14 -5.05
C PRO B 165 4.00 25.09 -4.22
N GLU B 166 3.40 25.84 -3.30
CA GLU B 166 4.17 26.73 -2.45
C GLU B 166 5.14 25.95 -1.56
N MET B 167 4.71 24.81 -1.03
CA MET B 167 5.66 24.00 -0.26
C MET B 167 6.68 23.29 -1.14
N LYS B 168 6.35 22.99 -2.39
CA LYS B 168 7.39 22.52 -3.30
C LYS B 168 8.46 23.57 -3.50
N THR B 169 8.04 24.84 -3.65
CA THR B 169 9.01 25.93 -3.69
C THR B 169 9.79 26.03 -2.39
N ILE B 170 9.10 25.88 -1.25
CA ILE B 170 9.75 26.00 0.05
C ILE B 170 10.84 24.94 0.20
N LEU B 171 10.53 23.70 -0.16
CA LEU B 171 11.51 22.62 -0.10
C LEU B 171 12.54 22.73 -1.21
N ARG B 172 12.29 23.54 -2.24
CA ARG B 172 13.26 23.77 -3.30
C ARG B 172 14.44 24.62 -2.83
N GLY B 173 14.28 25.42 -1.77
CA GLY B 173 15.35 26.26 -1.26
C GLY B 173 14.98 27.71 -1.01
N VAL B 174 13.77 28.12 -1.37
CA VAL B 174 13.31 29.49 -1.12
C VAL B 174 12.57 29.50 0.21
N VAL B 175 13.09 30.26 1.18
CA VAL B 175 12.56 30.27 2.53
C VAL B 175 11.62 31.47 2.67
N LEU B 176 10.32 31.20 2.71
CA LEU B 176 9.32 32.22 3.01
C LEU B 176 8.88 32.08 4.47
N LYS B 177 9.71 32.62 5.36
CA LYS B 177 9.43 32.53 6.79
C LYS B 177 8.16 33.28 7.16
N GLU B 178 7.86 34.37 6.43
CA GLU B 178 6.62 35.10 6.64
C GLU B 178 5.38 34.33 6.23
N TYR B 179 5.54 33.32 5.35
CA TYR B 179 4.38 32.66 4.78
C TYR B 179 3.80 31.61 5.74
N LEU B 180 4.58 31.21 6.75
CA LEU B 180 4.09 30.32 7.81
C LEU B 180 4.01 31.08 9.13
N THR B 181 2.85 31.67 9.38
CA THR B 181 2.60 32.45 10.58
C THR B 181 1.26 32.08 11.19
N LEU B 182 1.12 32.40 12.48
CA LEU B 182 -0.09 32.04 13.22
C LEU B 182 -1.33 32.73 12.63
N LYS B 183 -1.20 34.00 12.26
CA LYS B 183 -2.31 34.69 11.61
C LYS B 183 -2.68 34.00 10.30
N THR B 184 -1.68 33.63 9.51
CA THR B 184 -1.92 32.88 8.28
C THR B 184 -2.57 31.53 8.59
N PHE B 185 -2.18 30.91 9.71
CA PHE B 185 -2.76 29.63 10.08
C PHE B 185 -4.25 29.77 10.39
N ILE B 186 -4.61 30.78 11.16
CA ILE B 186 -6.02 31.01 11.49
C ILE B 186 -6.80 31.32 10.22
N ALA B 187 -6.25 32.20 9.37
CA ALA B 187 -6.92 32.52 8.12
C ALA B 187 -7.15 31.28 7.28
N LYS B 188 -6.11 30.44 7.14
CA LYS B 188 -6.23 29.25 6.31
C LYS B 188 -7.27 28.28 6.86
N VAL B 189 -7.24 28.01 8.16
CA VAL B 189 -8.18 27.02 8.71
C VAL B 189 -9.61 27.52 8.59
N ILE B 190 -9.86 28.80 8.93
CA ILE B 190 -11.22 29.31 8.86
C ILE B 190 -11.71 29.38 7.41
N GLY B 191 -10.85 29.85 6.51
CA GLY B 191 -11.24 29.92 5.11
C GLY B 191 -11.53 28.57 4.50
N LEU B 192 -10.69 27.57 4.81
CA LEU B 192 -10.92 26.23 4.30
C LEU B 192 -12.23 25.66 4.84
N THR B 193 -12.47 25.83 6.14
CA THR B 193 -13.71 25.34 6.73
C THR B 193 -14.91 25.97 6.05
N CYS B 194 -14.90 27.29 5.89
CA CYS B 194 -16.07 27.98 5.36
C CYS B 194 -16.25 27.70 3.88
N ALA B 195 -15.15 27.50 3.15
CA ALA B 195 -15.24 27.20 1.72
C ALA B 195 -15.77 25.78 1.49
N LEU B 196 -15.30 24.82 2.27
CA LEU B 196 -15.78 23.46 2.11
C LEU B 196 -17.21 23.31 2.64
N GLY B 197 -17.61 24.14 3.60
CA GLY B 197 -18.94 24.05 4.14
C GLY B 197 -20.06 24.53 3.24
N SER B 198 -19.72 25.23 2.16
CA SER B 198 -20.73 25.78 1.27
C SER B 198 -21.18 24.81 0.18
N GLY B 199 -20.59 23.62 0.11
CA GLY B 199 -20.95 22.67 -0.92
C GLY B 199 -20.30 22.91 -2.26
N MET B 200 -19.34 23.82 -2.35
CA MET B 200 -18.66 24.08 -3.61
C MET B 200 -17.83 22.86 -4.01
N PRO B 201 -17.66 22.60 -5.31
CA PRO B 201 -16.80 21.49 -5.73
C PRO B 201 -15.33 21.80 -5.50
N LEU B 202 -14.90 21.66 -4.24
CA LEU B 202 -13.54 21.97 -3.84
C LEU B 202 -12.92 20.75 -3.14
N GLY B 203 -11.60 20.80 -2.95
CA GLY B 203 -10.87 19.77 -2.27
C GLY B 203 -10.24 20.30 -1.00
N LYS B 204 -9.45 19.44 -0.34
CA LYS B 204 -8.86 19.79 0.93
C LYS B 204 -7.42 19.32 1.12
N GLU B 205 -6.82 18.63 0.13
CA GLU B 205 -5.52 18.02 0.35
C GLU B 205 -4.42 19.08 0.45
N GLY B 206 -4.45 20.07 -0.44
CA GLY B 206 -3.48 21.13 -0.44
C GLY B 206 -3.55 22.00 0.81
N PRO B 207 -4.75 22.50 1.12
CA PRO B 207 -4.89 23.24 2.39
C PRO B 207 -4.53 22.42 3.61
N PHE B 208 -4.80 21.11 3.61
CA PHE B 208 -4.44 20.30 4.77
C PHE B 208 -2.94 20.13 4.89
N VAL B 209 -2.24 19.91 3.78
CA VAL B 209 -0.78 19.80 3.87
C VAL B 209 -0.18 21.14 4.28
N HIS B 210 -0.75 22.26 3.81
CA HIS B 210 -0.26 23.57 4.22
C HIS B 210 -0.48 23.80 5.71
N ILE B 211 -1.66 23.41 6.22
CA ILE B 211 -1.95 23.58 7.64
C ILE B 211 -1.03 22.70 8.48
N ALA B 212 -0.75 21.48 8.02
CA ALA B 212 0.16 20.61 8.74
C ALA B 212 1.56 21.21 8.80
N SER B 213 2.02 21.78 7.68
CA SER B 213 3.31 22.45 7.69
C SER B 213 3.33 23.63 8.66
N MET B 214 2.27 24.42 8.67
CA MET B 214 2.20 25.56 9.58
C MET B 214 2.23 25.08 11.03
N CYS B 215 1.48 24.01 11.32
CA CYS B 215 1.45 23.49 12.68
C CYS B 215 2.81 22.98 13.12
N ALA B 216 3.52 22.29 12.22
CA ALA B 216 4.87 21.85 12.54
C ALA B 216 5.79 23.03 12.82
N ALA B 217 5.71 24.08 11.99
CA ALA B 217 6.56 25.24 12.21
C ALA B 217 6.23 25.93 13.54
N LEU B 218 4.94 26.07 13.84
CA LEU B 218 4.54 26.73 15.07
C LEU B 218 4.94 25.90 16.29
N LEU B 219 4.80 24.58 16.23
CA LEU B 219 5.18 23.74 17.35
C LEU B 219 6.70 23.75 17.53
N SER B 220 7.45 23.81 16.43
CA SER B 220 8.90 23.93 16.53
C SER B 220 9.28 25.26 17.19
N LYS B 221 8.60 26.34 16.81
CA LYS B 221 8.85 27.63 17.46
C LYS B 221 8.51 27.56 18.95
N PHE B 222 7.39 26.92 19.29
CA PHE B 222 6.98 26.81 20.69
C PHE B 222 8.01 26.04 21.51
N LEU B 223 8.54 24.95 20.95
CA LEU B 223 9.56 24.18 21.65
C LEU B 223 10.94 24.84 21.59
N SER B 224 11.13 25.83 20.70
CA SER B 224 12.41 26.50 20.60
C SER B 224 12.76 27.27 21.87
N LEU B 225 11.76 27.65 22.67
CA LEU B 225 12.06 28.39 23.90
C LEU B 225 12.89 27.55 24.87
N PHE B 226 12.68 26.23 24.88
CA PHE B 226 13.42 25.35 25.77
C PHE B 226 14.84 25.08 25.29
N GLY B 227 15.08 25.15 23.99
CA GLY B 227 16.40 24.89 23.45
C GLY B 227 16.60 25.42 22.05
N GLY B 228 17.73 26.10 21.83
CA GLY B 228 18.03 26.70 20.54
C GLY B 228 18.56 25.77 19.49
N ILE B 229 18.75 24.49 19.82
CA ILE B 229 19.24 23.52 18.84
C ILE B 229 18.20 23.29 17.75
N TYR B 230 16.94 23.65 18.00
CA TYR B 230 15.84 23.41 17.08
C TYR B 230 15.88 24.31 15.85
N GLU B 231 16.76 25.31 15.82
CA GLU B 231 16.80 26.28 14.73
C GLU B 231 17.72 25.87 13.58
N ASN B 232 18.32 24.68 13.64
CA ASN B 232 19.09 24.18 12.50
C ASN B 232 18.22 23.96 11.27
N GLU B 233 18.51 24.74 10.21
CA GLU B 233 17.62 24.86 9.06
C GLU B 233 17.38 23.53 8.34
N SER B 234 18.42 22.71 8.17
CA SER B 234 18.25 21.45 7.45
C SER B 234 17.24 20.54 8.15
N ARG B 235 17.37 20.41 9.47
CA ARG B 235 16.42 19.58 10.21
C ARG B 235 15.03 20.19 10.23
N ASN B 236 14.93 21.53 10.21
CA ASN B 236 13.61 22.15 10.06
C ASN B 236 12.98 21.77 8.72
N THR B 237 13.78 21.77 7.65
CA THR B 237 13.26 21.33 6.35
C THR B 237 12.83 19.87 6.39
N GLU B 238 13.63 19.03 7.04
CA GLU B 238 13.27 17.61 7.15
C GLU B 238 11.95 17.44 7.88
N MET B 239 11.77 18.19 8.97
CA MET B 239 10.53 18.12 9.73
C MET B 239 9.37 18.72 8.96
N LEU B 240 9.63 19.71 8.12
CA LEU B 240 8.57 20.22 7.24
C LEU B 240 8.11 19.15 6.25
N ALA B 241 9.06 18.40 5.70
CA ALA B 241 8.68 17.29 4.82
C ALA B 241 7.88 16.24 5.57
N ALA B 242 8.29 15.91 6.80
CA ALA B 242 7.52 15.00 7.62
C ALA B 242 6.12 15.54 7.88
N ALA B 243 6.01 16.86 8.07
CA ALA B 243 4.71 17.49 8.28
C ALA B 243 3.84 17.39 7.04
N CYS B 244 4.41 17.53 5.84
CA CYS B 244 3.65 17.30 4.62
C CYS B 244 3.14 15.87 4.58
N ALA B 245 3.99 14.91 4.93
CA ALA B 245 3.56 13.52 5.00
C ALA B 245 2.38 13.35 5.95
N VAL B 246 2.48 13.96 7.13
CA VAL B 246 1.43 13.84 8.14
C VAL B 246 0.13 14.47 7.63
N GLY B 247 0.24 15.61 6.96
CA GLY B 247 -0.94 16.29 6.45
C GLY B 247 -1.67 15.48 5.39
N VAL B 248 -0.92 14.94 4.43
CA VAL B 248 -1.55 14.08 3.43
C VAL B 248 -2.13 12.83 4.06
N GLY B 249 -1.46 12.31 5.10
CA GLY B 249 -2.00 11.15 5.79
C GLY B 249 -3.30 11.42 6.50
N CYS B 250 -3.39 12.55 7.19
CA CYS B 250 -4.61 12.88 7.94
C CYS B 250 -5.73 13.37 7.03
N CYS B 251 -5.40 13.86 5.83
CA CYS B 251 -6.45 14.31 4.91
C CYS B 251 -7.38 13.17 4.53
N PHE B 252 -6.84 12.06 4.06
CA PHE B 252 -7.62 10.91 3.65
C PHE B 252 -7.75 9.85 4.74
N ALA B 253 -7.14 10.08 5.90
CA ALA B 253 -7.06 9.06 6.96
C ALA B 253 -6.41 7.78 6.44
N ALA B 254 -5.55 7.94 5.43
CA ALA B 254 -4.81 6.82 4.83
C ALA B 254 -3.33 7.05 5.06
N PRO B 255 -2.73 6.41 6.07
CA PRO B 255 -1.36 6.78 6.45
C PRO B 255 -0.32 6.50 5.37
N ILE B 256 -0.19 5.25 4.91
CA ILE B 256 0.88 4.92 3.98
C ILE B 256 0.66 5.59 2.64
N GLY B 257 -0.58 5.58 2.15
CA GLY B 257 -0.88 6.25 0.90
C GLY B 257 -0.63 7.74 0.97
N GLY B 258 -0.97 8.36 2.12
CA GLY B 258 -0.71 9.78 2.28
C GLY B 258 0.78 10.10 2.29
N VAL B 259 1.56 9.28 2.98
CA VAL B 259 3.01 9.47 2.99
C VAL B 259 3.58 9.33 1.59
N LEU B 260 3.13 8.32 0.84
CA LEU B 260 3.62 8.14 -0.52
C LEU B 260 3.21 9.30 -1.42
N PHE B 261 1.98 9.80 -1.28
CA PHE B 261 1.55 10.94 -2.09
C PHE B 261 2.37 12.19 -1.76
N SER B 262 2.63 12.44 -0.48
CA SER B 262 3.46 13.57 -0.09
C SER B 262 4.87 13.42 -0.65
N ILE B 263 5.41 12.20 -0.60
CA ILE B 263 6.72 11.94 -1.18
C ILE B 263 6.71 12.26 -2.67
N GLU B 264 5.61 11.89 -3.34
CA GLU B 264 5.53 12.06 -4.78
C GLU B 264 5.46 13.53 -5.17
N VAL B 265 4.68 14.32 -4.43
CA VAL B 265 4.38 15.69 -4.87
C VAL B 265 5.37 16.70 -4.30
N THR B 266 5.79 16.54 -3.05
CA THR B 266 6.56 17.58 -2.38
C THR B 266 8.07 17.44 -2.54
N SER B 267 8.55 16.38 -3.20
CA SER B 267 10.00 16.17 -3.26
C SER B 267 10.36 15.45 -4.56
N THR B 268 11.64 15.58 -4.93
CA THR B 268 12.19 14.89 -6.08
C THR B 268 13.30 13.90 -5.72
N PHE B 269 14.15 14.24 -4.76
CA PHE B 269 15.12 13.32 -4.18
C PHE B 269 14.87 13.25 -2.69
N PHE B 270 14.52 12.07 -2.21
CA PHE B 270 13.91 11.93 -0.89
C PHE B 270 14.66 10.86 -0.10
N ALA B 271 15.05 11.21 1.14
CA ALA B 271 15.77 10.30 2.01
C ALA B 271 14.81 9.34 2.71
N VAL B 272 15.29 8.14 3.01
CA VAL B 272 14.45 7.15 3.67
C VAL B 272 14.26 7.49 5.15
N ARG B 273 15.16 8.29 5.73
CA ARG B 273 14.97 8.73 7.10
C ARG B 273 13.68 9.53 7.25
N ASN B 274 13.44 10.43 6.30
CA ASN B 274 12.21 11.21 6.32
C ASN B 274 11.00 10.32 6.11
N TYR B 275 11.11 9.30 5.25
CA TYR B 275 10.01 8.36 5.07
C TYR B 275 9.69 7.67 6.39
N TRP B 276 10.72 7.22 7.10
CA TRP B 276 10.51 6.54 8.38
C TRP B 276 9.84 7.47 9.39
N ARG B 277 10.34 8.72 9.48
CA ARG B 277 9.78 9.65 10.46
C ARG B 277 8.33 10.01 10.12
N GLY B 278 8.06 10.25 8.83
CA GLY B 278 6.71 10.60 8.42
C GLY B 278 5.73 9.47 8.65
N PHE B 279 6.12 8.24 8.33
CA PHE B 279 5.21 7.11 8.55
C PHE B 279 5.05 6.83 10.04
N PHE B 280 6.11 7.03 10.83
CA PHE B 280 6.02 7.05 12.28
C PHE B 280 4.95 8.00 12.80
N ALA B 281 4.98 9.25 12.36
CA ALA B 281 3.99 10.22 12.86
C ALA B 281 2.59 9.94 12.31
N ALA B 282 2.49 9.48 11.07
CA ALA B 282 1.19 9.14 10.50
C ALA B 282 0.55 7.97 11.22
N THR B 283 1.36 7.02 11.71
CA THR B 283 0.81 5.92 12.51
C THR B 283 0.09 6.45 13.74
N PHE B 284 0.73 7.36 14.48
CA PHE B 284 0.13 7.89 15.69
C PHE B 284 -1.07 8.78 15.37
N SER B 285 -1.01 9.52 14.26
CA SER B 285 -2.18 10.30 13.86
C SER B 285 -3.37 9.41 13.54
N ALA B 286 -3.16 8.31 12.82
CA ALA B 286 -4.22 7.38 12.51
C ALA B 286 -4.73 6.66 13.76
N PHE B 287 -3.88 6.39 14.73
CA PHE B 287 -4.31 5.87 16.02
C PHE B 287 -5.18 6.85 16.78
N ILE B 288 -4.83 8.14 16.77
CA ILE B 288 -5.68 9.15 17.38
C ILE B 288 -7.02 9.23 16.67
N PHE B 289 -7.04 9.09 15.33
CA PHE B 289 -8.31 9.00 14.62
C PHE B 289 -9.18 7.88 15.18
N ARG B 290 -8.61 6.69 15.34
CA ARG B 290 -9.41 5.55 15.77
C ARG B 290 -9.90 5.72 17.20
N VAL B 291 -9.01 6.15 18.11
CA VAL B 291 -9.42 6.28 19.51
C VAL B 291 -10.45 7.38 19.67
N LEU B 292 -10.31 8.48 18.92
CA LEU B 292 -11.27 9.57 19.00
C LEU B 292 -12.61 9.15 18.40
N ALA B 293 -12.58 8.40 17.30
CA ALA B 293 -13.83 7.92 16.71
C ALA B 293 -14.56 6.97 17.66
N VAL B 294 -13.80 6.13 18.37
CA VAL B 294 -14.42 5.25 19.36
C VAL B 294 -14.98 6.01 20.54
N TRP B 295 -14.22 6.96 21.11
CA TRP B 295 -14.70 7.77 22.22
C TRP B 295 -15.79 8.75 21.83
N ASN B 296 -16.00 8.98 20.54
CA ASN B 296 -16.91 10.01 20.05
C ASN B 296 -18.35 9.49 19.97
N ARG B 297 -18.51 8.21 19.63
CA ARG B 297 -19.84 7.61 19.44
C ARG B 297 -20.59 8.32 18.29
N ASP B 298 -19.99 8.25 17.10
CA ASP B 298 -20.53 8.92 15.92
C ASP B 298 -21.71 8.18 15.32
N GLU B 299 -21.49 6.92 14.91
CA GLU B 299 -22.47 6.18 14.15
C GLU B 299 -23.12 5.11 15.02
N GLU B 300 -23.93 4.26 14.38
CA GLU B 300 -24.59 3.16 15.07
C GLU B 300 -23.58 2.26 15.75
N THR B 301 -22.54 1.85 15.03
CA THR B 301 -21.48 1.01 15.58
C THR B 301 -20.15 1.50 15.01
N ILE B 302 -19.08 0.78 15.36
CA ILE B 302 -17.74 1.11 14.88
C ILE B 302 -17.58 0.54 13.47
N THR B 303 -17.76 1.38 12.46
CA THR B 303 -17.65 0.92 11.08
C THR B 303 -16.78 1.86 10.27
N ALA B 304 -16.58 1.55 8.99
CA ALA B 304 -15.68 2.31 8.13
C ALA B 304 -16.39 3.50 7.51
N LEU B 305 -15.59 4.48 7.07
CA LEU B 305 -16.13 5.69 6.45
C LEU B 305 -16.64 5.43 5.04
N PHE B 306 -15.92 4.63 4.26
CA PHE B 306 -16.19 4.36 2.85
C PHE B 306 -16.47 2.88 2.65
N LYS B 307 -17.37 2.34 3.48
CA LYS B 307 -17.72 0.92 3.48
C LYS B 307 -17.89 0.38 2.07
N THR B 308 -17.08 -0.60 1.73
CA THR B 308 -17.24 -1.36 0.49
C THR B 308 -17.38 -2.84 0.82
N ARG B 309 -18.40 -3.45 0.21
CA ARG B 309 -18.78 -4.82 0.48
C ARG B 309 -18.78 -5.63 -0.81
N PHE B 310 -17.78 -5.37 -1.66
CA PHE B 310 -17.61 -6.13 -2.88
C PHE B 310 -17.24 -7.56 -2.56
N ARG B 311 -17.74 -8.51 -3.35
CA ARG B 311 -17.41 -9.91 -3.14
C ARG B 311 -15.93 -10.16 -3.44
N LEU B 312 -15.32 -11.04 -2.67
CA LEU B 312 -13.91 -11.35 -2.83
C LEU B 312 -13.65 -12.57 -3.71
N ASP B 313 -14.69 -13.32 -4.08
CA ASP B 313 -14.50 -14.51 -4.91
C ASP B 313 -13.94 -14.12 -6.28
N PHE B 314 -14.73 -13.42 -7.09
CA PHE B 314 -14.31 -12.92 -8.40
C PHE B 314 -14.61 -11.43 -8.46
N PRO B 315 -13.76 -10.60 -7.85
CA PRO B 315 -13.93 -9.15 -7.94
C PRO B 315 -14.02 -8.65 -9.38
N PHE B 316 -13.24 -9.25 -10.27
CA PHE B 316 -13.23 -8.87 -11.67
C PHE B 316 -12.86 -10.08 -12.51
N ASP B 317 -13.23 -10.03 -13.79
CA ASP B 317 -12.84 -11.07 -14.73
C ASP B 317 -11.69 -10.59 -15.60
N LEU B 318 -11.12 -11.51 -16.38
CA LEU B 318 -10.02 -11.17 -17.25
C LEU B 318 -10.47 -10.39 -18.48
N GLN B 319 -11.73 -10.56 -18.90
CA GLN B 319 -12.22 -9.86 -20.10
C GLN B 319 -12.46 -8.38 -19.81
N GLU B 320 -12.47 -7.99 -18.53
CA GLU B 320 -12.71 -6.61 -18.17
C GLU B 320 -11.44 -5.77 -18.20
N LEU B 321 -10.27 -6.40 -18.34
CA LEU B 321 -9.01 -5.66 -18.38
C LEU B 321 -8.95 -4.63 -19.50
N PRO B 322 -9.40 -4.91 -20.73
CA PRO B 322 -9.43 -3.83 -21.73
C PRO B 322 -10.31 -2.67 -21.33
N ALA B 323 -11.45 -2.94 -20.68
CA ALA B 323 -12.30 -1.85 -20.20
C ALA B 323 -11.58 -1.01 -19.16
N PHE B 324 -10.88 -1.66 -18.22
CA PHE B 324 -10.13 -0.91 -17.22
C PHE B 324 -9.03 -0.08 -17.84
N ALA B 325 -8.34 -0.64 -18.84
CA ALA B 325 -7.30 0.11 -19.55
C ALA B 325 -7.88 1.32 -20.27
N VAL B 326 -9.04 1.14 -20.90
CA VAL B 326 -9.69 2.27 -21.58
C VAL B 326 -10.05 3.35 -20.57
N ILE B 327 -10.55 2.95 -19.40
CA ILE B 327 -10.83 3.90 -18.34
C ILE B 327 -9.56 4.66 -17.97
N GLY B 328 -8.44 3.94 -17.87
CA GLY B 328 -7.19 4.59 -17.50
C GLY B 328 -6.73 5.62 -18.51
N ILE B 329 -6.77 5.28 -19.80
CA ILE B 329 -6.33 6.22 -20.83
C ILE B 329 -7.28 7.41 -20.90
N ALA B 330 -8.59 7.16 -20.81
CA ALA B 330 -9.55 8.25 -20.84
C ALA B 330 -9.36 9.18 -19.65
N SER B 331 -9.05 8.62 -18.48
CA SER B 331 -8.80 9.44 -17.30
C SER B 331 -7.51 10.24 -17.46
N GLY B 332 -6.49 9.67 -18.11
CA GLY B 332 -5.29 10.44 -18.38
C GLY B 332 -5.57 11.65 -19.26
N PHE B 333 -6.32 11.42 -20.35
CA PHE B 333 -6.71 12.53 -21.21
C PHE B 333 -7.54 13.56 -20.45
N GLY B 334 -8.47 13.09 -19.62
CA GLY B 334 -9.30 14.00 -18.85
C GLY B 334 -8.51 14.83 -17.86
N GLY B 335 -7.51 14.25 -17.21
CA GLY B 335 -6.67 14.98 -16.30
C GLY B 335 -5.85 16.04 -16.99
N ALA B 336 -5.27 15.67 -18.14
CA ALA B 336 -4.53 16.67 -18.92
C ALA B 336 -5.44 17.80 -19.36
N LEU B 337 -6.65 17.48 -19.82
CA LEU B 337 -7.60 18.49 -20.25
C LEU B 337 -8.04 19.37 -19.07
N PHE B 338 -8.20 18.78 -17.89
CA PHE B 338 -8.57 19.55 -16.71
C PHE B 338 -7.50 20.57 -16.36
N VAL B 339 -6.23 20.13 -16.37
CA VAL B 339 -5.13 21.06 -16.11
C VAL B 339 -5.09 22.16 -17.16
N TYR B 340 -5.25 21.80 -18.43
CA TYR B 340 -5.25 22.79 -19.51
C TYR B 340 -6.37 23.81 -19.33
N LEU B 341 -7.57 23.32 -19.00
CA LEU B 341 -8.71 24.22 -18.83
C LEU B 341 -8.50 25.16 -17.65
N ASN B 342 -7.97 24.63 -16.53
CA ASN B 342 -7.69 25.48 -15.38
C ASN B 342 -6.69 26.57 -15.73
N ARG B 343 -5.62 26.19 -16.43
CA ARG B 343 -4.60 27.17 -16.80
C ARG B 343 -5.16 28.23 -17.75
N LYS B 344 -5.98 27.83 -18.72
CA LYS B 344 -6.55 28.84 -19.63
C LYS B 344 -7.58 29.71 -18.93
N ILE B 345 -8.30 29.17 -17.94
CA ILE B 345 -9.20 30.02 -17.17
C ILE B 345 -8.41 31.09 -16.43
N VAL B 346 -7.29 30.69 -15.80
CA VAL B 346 -6.43 31.67 -15.13
C VAL B 346 -5.89 32.68 -16.14
N GLN B 347 -5.46 32.21 -17.30
CA GLN B 347 -4.88 33.08 -18.32
C GLN B 347 -5.90 34.10 -18.81
N VAL B 348 -7.14 33.67 -19.05
CA VAL B 348 -8.18 34.59 -19.49
C VAL B 348 -8.50 35.60 -18.40
N MET B 349 -8.58 35.14 -17.14
CA MET B 349 -8.88 36.06 -16.05
C MET B 349 -7.79 37.11 -15.89
N ARG B 350 -6.53 36.72 -16.01
CA ARG B 350 -5.41 37.65 -15.89
C ARG B 350 -5.27 38.58 -17.10
N LYS B 351 -5.44 38.04 -18.31
CA LYS B 351 -5.05 38.77 -19.52
C LYS B 351 -6.02 39.90 -19.85
N GLN B 352 -7.32 39.66 -19.76
CA GLN B 352 -8.30 40.65 -20.18
C GLN B 352 -8.22 41.88 -19.29
N LYS B 353 -7.67 42.97 -19.82
CA LYS B 353 -7.38 44.15 -19.01
C LYS B 353 -8.66 44.77 -18.46
N THR B 354 -9.69 44.93 -19.29
CA THR B 354 -10.93 45.51 -18.80
C THR B 354 -11.61 44.59 -17.78
N ILE B 355 -11.62 43.28 -18.04
CA ILE B 355 -12.21 42.35 -17.09
C ILE B 355 -11.40 42.30 -15.81
N ASN B 356 -10.07 42.29 -15.93
CA ASN B 356 -9.22 42.28 -14.74
C ASN B 356 -9.43 43.53 -13.90
N ARG B 357 -9.56 44.69 -14.55
CA ARG B 357 -9.79 45.92 -13.80
C ARG B 357 -11.16 45.91 -13.12
N PHE B 358 -12.21 45.52 -13.87
CA PHE B 358 -13.54 45.43 -13.28
C PHE B 358 -13.58 44.44 -12.13
N LEU B 359 -12.67 43.47 -12.14
CA LEU B 359 -12.61 42.54 -11.01
C LEU B 359 -11.86 43.13 -9.84
N MET B 360 -10.67 43.71 -10.08
CA MET B 360 -9.86 44.21 -8.97
C MET B 360 -10.49 45.42 -8.30
N ARG B 361 -11.43 46.09 -8.96
CA ARG B 361 -12.15 47.12 -8.23
C ARG B 361 -13.15 46.52 -7.25
N LYS B 362 -13.65 45.31 -7.55
CA LYS B 362 -14.69 44.66 -6.76
C LYS B 362 -14.30 43.20 -6.55
N ARG B 363 -13.08 42.98 -6.05
CA ARG B 363 -12.50 41.64 -6.01
C ARG B 363 -13.41 40.63 -5.31
N LEU B 364 -14.21 41.09 -4.34
CA LEU B 364 -15.12 40.19 -3.66
C LEU B 364 -16.28 39.73 -4.54
N LEU B 365 -16.52 40.38 -5.68
CA LEU B 365 -17.66 40.04 -6.51
C LEU B 365 -17.44 38.75 -7.30
N PHE B 366 -16.19 38.42 -7.62
CA PHE B 366 -15.93 37.23 -8.43
C PHE B 366 -16.32 35.93 -7.71
N PRO B 367 -15.91 35.68 -6.46
CA PRO B 367 -16.40 34.47 -5.77
C PRO B 367 -17.90 34.43 -5.61
N ALA B 368 -18.51 35.59 -5.33
CA ALA B 368 -19.97 35.63 -5.21
C ALA B 368 -20.65 35.26 -6.52
N LEU B 369 -20.12 35.77 -7.64
CA LEU B 369 -20.73 35.50 -8.94
C LEU B 369 -20.58 34.03 -9.31
N VAL B 370 -19.40 33.45 -9.06
CA VAL B 370 -19.21 32.05 -9.47
C VAL B 370 -20.05 31.13 -8.59
N THR B 371 -20.14 31.44 -7.29
CA THR B 371 -21.01 30.66 -6.42
C THR B 371 -22.47 30.82 -6.84
N LEU B 372 -22.88 32.03 -7.22
CA LEU B 372 -24.20 32.25 -7.78
C LEU B 372 -24.47 31.31 -8.95
N LEU B 373 -23.55 31.30 -9.92
CA LEU B 373 -23.75 30.48 -11.11
C LEU B 373 -23.86 29.00 -10.76
N ILE B 374 -22.92 28.50 -9.96
CA ILE B 374 -22.92 27.06 -9.66
C ILE B 374 -24.15 26.68 -8.84
N SER B 375 -24.45 27.44 -7.78
CA SER B 375 -25.58 27.09 -6.92
C SER B 375 -26.89 27.19 -7.68
N THR B 376 -27.01 28.13 -8.62
CA THR B 376 -28.17 28.16 -9.50
C THR B 376 -28.23 26.90 -10.34
N LEU B 377 -27.08 26.45 -10.85
CA LEU B 377 -27.08 25.26 -11.70
C LEU B 377 -27.26 23.97 -10.90
N THR B 378 -27.22 24.05 -9.57
CA THR B 378 -27.33 22.86 -8.72
C THR B 378 -28.58 22.89 -7.84
N PHE B 379 -29.62 23.61 -8.24
CA PHE B 379 -30.84 23.69 -7.44
C PHE B 379 -31.56 22.35 -7.46
N PRO B 380 -31.78 21.71 -6.31
CA PRO B 380 -32.34 20.35 -6.30
C PRO B 380 -33.66 20.23 -7.03
N PRO B 381 -34.64 21.11 -6.78
CA PRO B 381 -35.86 21.07 -7.61
C PRO B 381 -35.78 21.95 -8.85
N GLY B 382 -34.60 22.48 -9.17
CA GLY B 382 -34.37 23.15 -10.44
C GLY B 382 -33.59 22.29 -11.40
N PHE B 383 -32.28 22.56 -11.52
CA PHE B 383 -31.42 21.75 -12.38
C PHE B 383 -30.72 20.64 -11.62
N GLY B 384 -30.84 20.60 -10.29
CA GLY B 384 -30.13 19.60 -9.51
C GLY B 384 -30.72 18.22 -9.61
N GLN B 385 -31.90 18.08 -10.22
CA GLN B 385 -32.47 16.76 -10.44
C GLN B 385 -31.68 15.97 -11.47
N PHE B 386 -30.93 16.66 -12.32
CA PHE B 386 -30.09 16.02 -13.33
C PHE B 386 -28.65 15.86 -12.88
N MET B 387 -28.31 16.27 -11.65
CA MET B 387 -26.94 16.25 -11.18
C MET B 387 -26.78 15.76 -9.76
N ALA B 388 -27.80 15.14 -9.17
CA ALA B 388 -27.75 14.68 -7.78
C ALA B 388 -27.33 15.81 -6.84
N GLY B 389 -27.99 16.96 -7.00
CA GLY B 389 -27.62 18.15 -6.26
C GLY B 389 -28.00 18.10 -4.79
N GLN B 390 -28.82 17.15 -4.37
CA GLN B 390 -29.17 17.03 -2.97
C GLN B 390 -28.10 16.33 -2.14
N LEU B 391 -27.07 15.79 -2.78
CA LEU B 391 -26.01 15.07 -2.10
C LEU B 391 -24.73 15.90 -2.09
N SER B 392 -24.05 15.91 -0.95
CA SER B 392 -22.76 16.57 -0.85
C SER B 392 -21.70 15.68 -1.49
N GLN B 393 -20.43 16.12 -1.48
CA GLN B 393 -19.37 15.35 -2.11
C GLN B 393 -19.15 14.01 -1.44
N LYS B 394 -19.14 13.97 -0.10
CA LYS B 394 -18.96 12.71 0.61
C LYS B 394 -20.13 11.77 0.33
N GLU B 395 -21.35 12.30 0.38
CA GLU B 395 -22.52 11.48 0.06
C GLU B 395 -22.49 11.02 -1.38
N THR B 396 -22.08 11.88 -2.30
CA THR B 396 -21.97 11.48 -3.71
C THR B 396 -20.98 10.33 -3.88
N LEU B 397 -19.83 10.43 -3.23
CA LEU B 397 -18.82 9.38 -3.35
C LEU B 397 -19.31 8.07 -2.72
N VAL B 398 -19.94 8.15 -1.56
CA VAL B 398 -20.45 6.96 -0.91
C VAL B 398 -21.51 6.29 -1.78
N THR B 399 -22.41 7.09 -2.37
CA THR B 399 -23.41 6.54 -3.27
C THR B 399 -22.77 5.90 -4.50
N LEU B 400 -21.75 6.54 -5.06
CA LEU B 400 -21.08 5.98 -6.23
C LEU B 400 -20.35 4.69 -5.92
N PHE B 401 -19.84 4.52 -4.70
CA PHE B 401 -19.11 3.30 -4.36
C PHE B 401 -20.03 2.17 -3.90
N ASP B 402 -21.31 2.22 -4.26
CA ASP B 402 -22.24 1.16 -3.94
C ASP B 402 -21.88 -0.11 -4.69
N ASN B 403 -22.21 -1.27 -4.10
CA ASN B 403 -21.98 -2.54 -4.76
C ASN B 403 -23.18 -3.02 -5.58
N ARG B 404 -24.31 -2.32 -5.50
CA ARG B 404 -25.50 -2.73 -6.25
C ARG B 404 -25.45 -2.19 -7.67
N THR B 405 -26.03 -2.95 -8.59
CA THR B 405 -26.07 -2.58 -10.00
C THR B 405 -27.39 -1.83 -10.26
N TRP B 406 -27.27 -0.56 -10.66
CA TRP B 406 -28.46 0.28 -10.78
C TRP B 406 -29.31 -0.11 -11.98
N VAL B 407 -28.68 -0.56 -13.06
CA VAL B 407 -29.41 -0.87 -14.28
C VAL B 407 -30.31 -2.10 -14.10
N ARG B 408 -29.91 -3.02 -13.22
CA ARG B 408 -30.65 -4.25 -13.01
C ARG B 408 -31.49 -4.22 -11.73
N GLN B 409 -31.63 -3.05 -11.09
CA GLN B 409 -32.45 -2.96 -9.90
C GLN B 409 -33.94 -3.00 -10.21
N GLY B 410 -34.32 -3.17 -11.47
CA GLY B 410 -35.72 -3.33 -11.82
C GLY B 410 -36.31 -4.69 -11.54
N LEU B 411 -35.49 -5.65 -11.12
CA LEU B 411 -35.96 -7.02 -10.88
C LEU B 411 -35.73 -7.51 -9.46
N VAL B 412 -34.75 -6.98 -8.73
CA VAL B 412 -34.38 -7.53 -7.43
C VAL B 412 -34.54 -6.44 -6.38
N GLU B 413 -35.50 -5.54 -6.58
CA GLU B 413 -35.78 -4.48 -5.63
C GLU B 413 -37.21 -4.57 -5.08
N GLU B 414 -37.63 -5.76 -4.68
CA GLU B 414 -38.95 -5.95 -4.08
C GLU B 414 -38.91 -6.27 -2.60
N LEU B 415 -37.77 -6.73 -2.08
CA LEU B 415 -37.62 -7.05 -0.66
C LEU B 415 -36.50 -6.21 -0.03
N GLU B 416 -36.20 -5.07 -0.61
CA GLU B 416 -35.12 -4.21 -0.14
C GLU B 416 -35.62 -2.78 -0.03
N PRO B 417 -35.11 -2.01 0.93
CA PRO B 417 -35.53 -0.62 1.08
C PRO B 417 -35.00 0.24 -0.06
N PRO B 418 -35.64 1.38 -0.33
CA PRO B 418 -35.11 2.28 -1.37
C PRO B 418 -33.78 2.88 -0.98
N SER B 419 -32.74 2.57 -1.74
CA SER B 419 -31.39 3.00 -1.43
C SER B 419 -31.22 4.49 -1.74
N THR B 420 -30.14 5.06 -1.19
CA THR B 420 -29.83 6.46 -1.46
C THR B 420 -29.47 6.68 -2.92
N SER B 421 -29.13 5.60 -3.63
CA SER B 421 -28.77 5.70 -5.04
C SER B 421 -29.94 6.14 -5.93
N GLN B 422 -31.12 6.37 -5.34
CA GLN B 422 -32.25 6.86 -6.12
C GLN B 422 -31.98 8.24 -6.70
N ALA B 423 -31.10 9.03 -6.08
CA ALA B 423 -30.78 10.35 -6.60
C ALA B 423 -30.18 10.30 -8.00
N TRP B 424 -29.59 9.16 -8.38
CA TRP B 424 -29.04 8.98 -9.72
C TRP B 424 -30.07 8.44 -10.69
N ASN B 425 -31.33 8.31 -10.28
CA ASN B 425 -32.41 7.80 -11.12
C ASN B 425 -33.57 8.79 -11.08
N PRO B 426 -33.43 9.94 -11.75
CA PRO B 426 -34.54 10.88 -11.79
C PRO B 426 -35.72 10.29 -12.54
N PRO B 427 -36.95 10.73 -12.24
CA PRO B 427 -38.13 10.11 -12.86
C PRO B 427 -38.16 10.19 -14.37
N ARG B 428 -37.62 11.25 -14.97
CA ARG B 428 -37.74 11.44 -16.42
C ARG B 428 -36.48 11.09 -17.19
N ALA B 429 -35.36 10.84 -16.50
CA ALA B 429 -34.10 10.54 -17.16
C ALA B 429 -33.51 9.26 -16.57
N ASN B 430 -32.89 8.45 -17.43
CA ASN B 430 -32.23 7.24 -16.98
C ASN B 430 -30.91 7.59 -16.30
N VAL B 431 -30.27 6.56 -15.73
CA VAL B 431 -29.03 6.76 -14.99
C VAL B 431 -27.92 7.26 -15.91
N PHE B 432 -27.89 6.75 -17.14
CA PHE B 432 -26.82 7.13 -18.07
C PHE B 432 -26.87 8.63 -18.38
N LEU B 433 -28.06 9.17 -18.60
CA LEU B 433 -28.18 10.59 -18.93
C LEU B 433 -27.75 11.47 -17.77
N THR B 434 -28.19 11.15 -16.56
CA THR B 434 -27.79 11.97 -15.42
C THR B 434 -26.29 11.84 -15.15
N LEU B 435 -25.72 10.65 -15.41
CA LEU B 435 -24.29 10.48 -15.24
C LEU B 435 -23.50 11.34 -16.22
N VAL B 436 -23.90 11.33 -17.50
CA VAL B 436 -23.14 12.08 -18.48
C VAL B 436 -23.31 13.58 -18.26
N ILE B 437 -24.51 14.02 -17.87
CA ILE B 437 -24.70 15.43 -17.55
C ILE B 437 -23.87 15.83 -16.34
N PHE B 438 -23.85 14.99 -15.31
CA PHE B 438 -23.07 15.26 -14.11
C PHE B 438 -21.59 15.40 -14.44
N ILE B 439 -21.06 14.49 -15.27
CA ILE B 439 -19.66 14.58 -15.66
C ILE B 439 -19.40 15.87 -16.44
N LEU B 440 -20.19 16.10 -17.48
CA LEU B 440 -19.93 17.21 -18.39
C LEU B 440 -20.10 18.56 -17.70
N MET B 441 -20.90 18.62 -16.64
CA MET B 441 -21.00 19.87 -15.90
C MET B 441 -19.91 19.97 -14.83
N LYS B 442 -19.85 18.98 -13.93
CA LYS B 442 -18.93 19.05 -12.80
C LYS B 442 -17.49 19.22 -13.24
N PHE B 443 -17.14 18.77 -14.44
CA PHE B 443 -15.78 19.00 -14.94
C PHE B 443 -15.45 20.49 -14.94
N TRP B 444 -16.20 21.28 -15.72
CA TRP B 444 -15.92 22.71 -15.78
C TRP B 444 -16.25 23.41 -14.48
N MET B 445 -17.25 22.92 -13.73
CA MET B 445 -17.53 23.51 -12.43
C MET B 445 -16.32 23.44 -11.51
N SER B 446 -15.71 22.27 -11.40
CA SER B 446 -14.53 22.12 -10.56
C SER B 446 -13.36 22.92 -11.12
N ALA B 447 -13.16 22.87 -12.44
CA ALA B 447 -12.04 23.60 -13.03
C ALA B 447 -12.13 25.09 -12.76
N LEU B 448 -13.34 25.65 -12.87
CA LEU B 448 -13.54 27.08 -12.65
C LEU B 448 -13.52 27.44 -11.16
N ALA B 449 -14.07 26.55 -10.31
CA ALA B 449 -14.12 26.84 -8.88
C ALA B 449 -12.78 26.67 -8.19
N THR B 450 -11.83 25.98 -8.82
CA THR B 450 -10.51 25.88 -8.23
C THR B 450 -9.79 27.23 -8.21
N THR B 451 -10.07 28.10 -9.17
CA THR B 451 -9.37 29.38 -9.32
C THR B 451 -9.91 30.46 -8.40
N ILE B 452 -10.92 30.17 -7.60
CA ILE B 452 -11.57 31.19 -6.78
C ILE B 452 -10.60 31.63 -5.68
N PRO B 453 -10.53 32.94 -5.35
CA PRO B 453 -9.58 33.38 -4.32
C PRO B 453 -9.94 32.91 -2.91
N VAL B 454 -10.01 31.59 -2.73
CA VAL B 454 -10.24 31.00 -1.42
C VAL B 454 -9.31 29.82 -1.24
N PRO B 455 -8.95 29.51 0.00
CA PRO B 455 -8.12 28.32 0.26
C PRO B 455 -8.90 27.05 -0.07
N CYS B 456 -8.43 26.33 -1.08
CA CYS B 456 -9.14 25.15 -1.56
C CYS B 456 -8.15 24.15 -2.14
N GLY B 457 -8.60 22.91 -2.25
CA GLY B 457 -7.82 21.86 -2.90
C GLY B 457 -8.54 21.38 -4.15
N ALA B 458 -7.88 20.52 -4.92
CA ALA B 458 -8.42 20.05 -6.18
C ALA B 458 -8.48 18.53 -6.27
N PHE B 459 -8.18 17.81 -5.19
CA PHE B 459 -8.18 16.35 -5.25
C PHE B 459 -9.59 15.79 -5.25
N MET B 460 -10.40 16.20 -4.27
CA MET B 460 -11.74 15.63 -4.10
C MET B 460 -12.66 15.84 -5.31
N PRO B 461 -12.75 17.02 -5.93
CA PRO B 461 -13.63 17.14 -7.11
C PRO B 461 -13.23 16.22 -8.26
N VAL B 462 -11.95 16.19 -8.60
CA VAL B 462 -11.47 15.29 -9.64
C VAL B 462 -11.67 13.83 -9.27
N PHE B 463 -11.49 13.48 -8.00
CA PHE B 463 -11.74 12.11 -7.54
C PHE B 463 -13.20 11.74 -7.74
N VAL B 464 -14.12 12.66 -7.41
CA VAL B 464 -15.54 12.39 -7.60
C VAL B 464 -15.87 12.24 -9.09
N ILE B 465 -15.28 13.09 -9.92
CA ILE B 465 -15.53 12.99 -11.37
C ILE B 465 -15.04 11.65 -11.89
N GLY B 466 -13.85 11.22 -11.46
CA GLY B 466 -13.35 9.92 -11.89
C GLY B 466 -14.20 8.77 -11.40
N ALA B 467 -14.69 8.85 -10.15
CA ALA B 467 -15.55 7.82 -9.63
C ALA B 467 -16.85 7.74 -10.43
N ALA B 468 -17.43 8.88 -10.78
CA ALA B 468 -18.65 8.88 -11.58
C ALA B 468 -18.39 8.32 -12.98
N PHE B 469 -17.24 8.66 -13.57
CA PHE B 469 -16.89 8.11 -14.88
C PHE B 469 -16.77 6.59 -14.81
N GLY B 470 -16.05 6.08 -13.81
CA GLY B 470 -15.93 4.65 -13.66
C GLY B 470 -17.25 3.97 -13.42
N ARG B 471 -18.13 4.60 -12.63
CA ARG B 471 -19.46 4.06 -12.41
C ARG B 471 -20.25 3.99 -13.71
N LEU B 472 -20.15 5.03 -14.54
CA LEU B 472 -20.82 5.02 -15.83
C LEU B 472 -20.31 3.89 -16.71
N VAL B 473 -18.99 3.70 -16.73
CA VAL B 473 -18.42 2.64 -17.56
C VAL B 473 -18.87 1.27 -17.06
N GLY B 474 -18.89 1.08 -15.74
CA GLY B 474 -19.34 -0.20 -15.20
C GLY B 474 -20.80 -0.47 -15.51
N GLU B 475 -21.65 0.56 -15.40
CA GLU B 475 -23.06 0.38 -15.73
C GLU B 475 -23.25 0.10 -17.21
N SER B 476 -22.43 0.73 -18.07
CA SER B 476 -22.49 0.44 -19.49
C SER B 476 -22.10 -1.01 -19.76
N MET B 477 -21.06 -1.51 -19.07
CA MET B 477 -20.65 -2.90 -19.24
C MET B 477 -21.75 -3.85 -18.78
N ALA B 478 -22.42 -3.52 -17.67
CA ALA B 478 -23.54 -4.34 -17.22
C ALA B 478 -24.69 -4.32 -18.22
N ALA B 479 -24.97 -3.15 -18.81
CA ALA B 479 -26.08 -3.04 -19.75
C ALA B 479 -25.79 -3.74 -21.06
N TRP B 480 -24.52 -3.79 -21.48
CA TRP B 480 -24.15 -4.47 -22.72
C TRP B 480 -24.56 -5.94 -22.68
N PHE B 481 -24.24 -6.62 -21.59
CA PHE B 481 -24.64 -8.00 -21.36
C PHE B 481 -24.98 -8.20 -19.88
N PRO B 482 -26.22 -8.56 -19.55
CA PRO B 482 -26.59 -8.64 -18.13
C PRO B 482 -26.34 -9.99 -17.49
N ASP B 483 -26.15 -11.06 -18.27
CA ASP B 483 -25.87 -12.35 -17.69
C ASP B 483 -24.47 -12.42 -17.10
N GLY B 484 -23.59 -11.51 -17.50
CA GLY B 484 -22.21 -11.50 -17.06
C GLY B 484 -21.30 -12.09 -18.10
N ILE B 485 -20.05 -12.32 -17.68
CA ILE B 485 -19.06 -12.98 -18.52
C ILE B 485 -19.09 -14.47 -18.20
N HIS B 486 -19.28 -15.30 -19.23
CA HIS B 486 -19.38 -16.74 -19.04
C HIS B 486 -18.01 -17.30 -18.67
N THR B 487 -17.96 -18.05 -17.58
CA THR B 487 -16.71 -18.64 -17.11
C THR B 487 -17.04 -19.85 -16.26
N ASP B 488 -16.74 -21.05 -16.76
CA ASP B 488 -16.93 -22.30 -16.03
C ASP B 488 -18.39 -22.52 -15.67
N SER B 489 -19.28 -21.99 -16.51
CA SER B 489 -20.74 -22.14 -16.36
C SER B 489 -21.20 -21.71 -14.97
N SER B 490 -20.63 -20.60 -14.50
CA SER B 490 -20.95 -20.05 -13.18
C SER B 490 -21.28 -18.57 -13.37
N THR B 491 -22.32 -18.10 -12.70
CA THR B 491 -22.81 -16.73 -12.88
C THR B 491 -22.15 -15.79 -11.88
N TYR B 492 -21.64 -14.67 -12.37
CA TYR B 492 -21.14 -13.57 -11.54
C TYR B 492 -21.35 -12.27 -12.30
N ARG B 493 -22.22 -11.41 -11.78
CA ARG B 493 -22.51 -10.15 -12.45
C ARG B 493 -21.33 -9.20 -12.33
N ILE B 494 -21.24 -8.26 -13.28
CA ILE B 494 -20.19 -7.25 -13.22
C ILE B 494 -20.46 -6.31 -12.05
N VAL B 495 -19.40 -5.95 -11.34
CA VAL B 495 -19.49 -5.05 -10.19
C VAL B 495 -18.98 -3.68 -10.64
N PRO B 496 -19.85 -2.69 -10.82
CA PRO B 496 -19.38 -1.38 -11.31
C PRO B 496 -18.76 -0.53 -10.21
N GLY B 497 -18.85 -0.93 -8.95
CA GLY B 497 -18.16 -0.21 -7.89
C GLY B 497 -16.66 -0.25 -8.04
N GLY B 498 -16.12 -1.40 -8.42
CA GLY B 498 -14.70 -1.47 -8.73
C GLY B 498 -14.33 -0.59 -9.91
N TYR B 499 -15.23 -0.49 -10.90
CA TYR B 499 -14.99 0.42 -12.01
C TYR B 499 -14.93 1.87 -11.54
N ALA B 500 -15.84 2.24 -10.64
CA ALA B 500 -15.82 3.60 -10.10
C ALA B 500 -14.53 3.86 -9.34
N VAL B 501 -14.09 2.90 -8.54
CA VAL B 501 -12.83 3.03 -7.80
C VAL B 501 -11.67 3.23 -8.77
N VAL B 502 -11.63 2.40 -9.82
CA VAL B 502 -10.54 2.47 -10.80
C VAL B 502 -10.55 3.81 -11.50
N GLY B 503 -11.73 4.28 -11.90
CA GLY B 503 -11.81 5.56 -12.59
C GLY B 503 -11.39 6.72 -11.72
N ALA B 504 -11.83 6.73 -10.45
CA ALA B 504 -11.44 7.78 -9.54
C ALA B 504 -9.93 7.81 -9.34
N ALA B 505 -9.34 6.64 -9.08
CA ALA B 505 -7.89 6.59 -8.87
C ALA B 505 -7.14 7.03 -10.12
N ALA B 506 -7.58 6.57 -11.29
CA ALA B 506 -6.89 6.91 -12.53
C ALA B 506 -6.97 8.40 -12.81
N LEU B 507 -8.14 9.00 -12.66
CA LEU B 507 -8.28 10.43 -12.95
C LEU B 507 -7.49 11.27 -11.96
N ALA B 508 -7.52 10.90 -10.67
CA ALA B 508 -6.75 11.64 -9.68
C ALA B 508 -5.25 11.55 -9.97
N GLY B 509 -4.76 10.34 -10.26
CA GLY B 509 -3.36 10.19 -10.59
C GLY B 509 -2.95 10.95 -11.84
N ALA B 510 -3.82 10.93 -12.85
CA ALA B 510 -3.56 11.71 -14.07
C ALA B 510 -3.47 13.19 -13.80
N VAL B 511 -4.39 13.75 -13.01
CA VAL B 511 -4.32 15.16 -12.66
C VAL B 511 -3.07 15.50 -11.85
N THR B 512 -2.73 14.69 -10.85
CA THR B 512 -1.66 15.04 -9.92
C THR B 512 -0.31 14.45 -10.31
N HIS B 513 -0.22 13.71 -11.41
CA HIS B 513 1.00 13.02 -11.84
C HIS B 513 1.65 12.25 -10.69
N THR B 514 0.89 11.30 -10.14
CA THR B 514 1.39 10.46 -9.06
C THR B 514 0.92 9.04 -9.27
N VAL B 515 1.59 8.10 -8.59
CA VAL B 515 1.19 6.71 -8.59
C VAL B 515 0.68 6.26 -7.23
N SER B 516 0.73 7.13 -6.23
CA SER B 516 0.35 6.79 -4.87
C SER B 516 -1.16 6.78 -4.66
N THR B 517 -1.94 7.30 -5.60
CA THR B 517 -3.40 7.22 -5.50
C THR B 517 -3.90 5.78 -5.52
N ALA B 518 -3.14 4.86 -6.08
CA ALA B 518 -3.50 3.45 -6.00
C ALA B 518 -3.46 2.93 -4.57
N VAL B 519 -2.42 3.24 -3.81
CA VAL B 519 -2.35 2.85 -2.41
C VAL B 519 -3.36 3.59 -1.56
N ILE B 520 -3.61 4.87 -1.85
CA ILE B 520 -4.62 5.64 -1.11
C ILE B 520 -6.01 5.02 -1.25
N VAL B 521 -6.42 4.63 -2.45
CA VAL B 521 -7.78 4.16 -2.68
C VAL B 521 -8.05 2.79 -2.07
N PHE B 522 -7.02 1.99 -1.82
CA PHE B 522 -7.19 0.75 -1.07
C PHE B 522 -7.43 1.00 0.41
N GLU B 523 -6.66 1.91 1.01
CA GLU B 523 -6.85 2.23 2.42
C GLU B 523 -8.12 3.05 2.65
N LEU B 524 -8.62 3.71 1.61
CA LEU B 524 -9.88 4.44 1.71
C LEU B 524 -11.05 3.47 1.77
N THR B 525 -11.21 2.65 0.74
CA THR B 525 -12.29 1.67 0.71
C THR B 525 -12.08 0.59 1.77
N GLY B 526 -10.88 0.02 1.80
CA GLY B 526 -10.57 -1.04 2.75
C GLY B 526 -10.46 -2.40 2.11
N GLN B 527 -10.55 -2.44 0.78
CA GLN B 527 -10.46 -3.70 0.04
C GLN B 527 -9.43 -3.55 -1.06
N ILE B 528 -8.52 -4.52 -1.16
CA ILE B 528 -7.40 -4.44 -2.09
C ILE B 528 -7.60 -5.49 -3.17
N ALA B 529 -8.84 -5.98 -3.31
CA ALA B 529 -9.14 -6.99 -4.31
C ALA B 529 -8.98 -6.50 -5.73
N HIS B 530 -9.11 -5.20 -5.97
CA HIS B 530 -8.99 -4.62 -7.30
C HIS B 530 -7.61 -4.01 -7.53
N ILE B 531 -6.58 -4.65 -6.98
CA ILE B 531 -5.23 -4.11 -7.11
C ILE B 531 -4.75 -4.13 -8.55
N LEU B 532 -5.13 -5.13 -9.35
CA LEU B 532 -4.62 -5.21 -10.71
C LEU B 532 -5.25 -4.15 -11.61
N PRO B 533 -6.58 -3.99 -11.64
CA PRO B 533 -7.16 -2.93 -12.49
C PRO B 533 -6.70 -1.54 -12.10
N VAL B 534 -6.61 -1.25 -10.79
CA VAL B 534 -6.25 0.09 -10.35
C VAL B 534 -4.84 0.45 -10.78
N MET B 535 -3.89 -0.46 -10.58
CA MET B 535 -2.50 -0.24 -10.98
C MET B 535 -2.37 -0.03 -12.49
N ILE B 536 -3.04 -0.88 -13.28
CA ILE B 536 -2.98 -0.77 -14.73
C ILE B 536 -3.57 0.56 -15.19
N ALA B 537 -4.70 0.97 -14.61
CA ALA B 537 -5.30 2.26 -14.95
C ALA B 537 -4.39 3.43 -14.56
N VAL B 538 -3.79 3.38 -13.37
CA VAL B 538 -2.97 4.49 -12.91
C VAL B 538 -1.72 4.64 -13.76
N ILE B 539 -1.05 3.54 -14.11
CA ILE B 539 0.16 3.69 -14.92
C ILE B 539 -0.17 4.26 -16.30
N LEU B 540 -1.24 3.78 -16.93
CA LEU B 540 -1.62 4.29 -18.24
C LEU B 540 -2.02 5.75 -18.18
N ALA B 541 -2.78 6.13 -17.14
CA ALA B 541 -3.19 7.52 -16.99
C ALA B 541 -1.99 8.43 -16.81
N ASN B 542 -1.03 8.02 -15.96
CA ASN B 542 0.16 8.83 -15.76
C ASN B 542 1.01 8.91 -17.03
N ALA B 543 1.11 7.81 -17.77
CA ALA B 543 1.85 7.83 -19.02
C ALA B 543 1.25 8.83 -20.01
N VAL B 544 -0.07 8.76 -20.20
CA VAL B 544 -0.73 9.67 -21.12
C VAL B 544 -0.61 11.11 -20.64
N ALA B 545 -0.78 11.34 -19.35
CA ALA B 545 -0.68 12.70 -18.81
C ALA B 545 0.71 13.27 -19.01
N GLN B 546 1.75 12.48 -18.72
CA GLN B 546 3.11 12.92 -18.99
C GLN B 546 3.31 13.21 -20.48
N SER B 547 2.68 12.41 -21.35
CA SER B 547 2.76 12.68 -22.77
C SER B 547 2.15 14.03 -23.12
N LEU B 548 1.03 14.38 -22.51
CA LEU B 548 0.32 15.61 -22.89
C LEU B 548 0.68 16.82 -22.03
N GLN B 549 0.43 16.76 -20.73
CA GLN B 549 0.37 17.98 -19.94
C GLN B 549 1.14 17.85 -18.64
N PRO B 550 1.70 18.94 -18.14
CA PRO B 550 2.28 18.93 -16.79
C PRO B 550 1.20 18.85 -15.72
N SER B 551 1.65 18.65 -14.49
CA SER B 551 0.72 18.44 -13.38
C SER B 551 0.01 19.74 -13.02
N LEU B 552 -1.09 19.59 -12.28
CA LEU B 552 -1.82 20.76 -11.81
C LEU B 552 -0.96 21.60 -10.87
N TYR B 553 -0.19 20.94 -9.99
CA TYR B 553 0.68 21.68 -9.08
C TYR B 553 1.81 22.36 -9.84
N ASP B 554 2.36 21.69 -10.85
CA ASP B 554 3.36 22.34 -11.70
C ASP B 554 2.74 23.49 -12.49
N SER B 555 1.50 23.32 -12.94
CA SER B 555 0.82 24.43 -13.60
C SER B 555 0.70 25.62 -12.68
N ILE B 556 0.32 25.38 -11.42
CA ILE B 556 0.19 26.47 -10.45
C ILE B 556 1.55 27.13 -10.20
N ILE B 557 2.59 26.32 -10.00
CA ILE B 557 3.91 26.87 -9.71
C ILE B 557 4.42 27.69 -10.89
N ARG B 558 4.04 27.33 -12.11
CA ARG B 558 4.48 28.09 -13.27
C ARG B 558 3.66 29.37 -13.47
N ILE B 559 2.36 29.33 -13.24
CA ILE B 559 1.53 30.51 -13.46
C ILE B 559 1.63 31.48 -12.30
N LYS B 560 1.88 31.01 -11.09
CA LYS B 560 1.94 31.89 -9.92
C LYS B 560 3.32 32.53 -9.78
C15 GH6 C . 9.69 -17.57 -0.87
C20 GH6 C . 7.77 -14.52 0.31
C21 GH6 C . 8.02 -13.82 1.48
C22 GH6 C . 7.24 -14.06 2.61
C24 GH6 C . 5.98 -15.69 1.40
C02 GH6 C . 7.09 -24.16 -0.61
C04 GH6 C . 6.86 -23.30 -1.84
C05 GH6 C . 6.33 -23.88 -2.99
C06 GH6 C . 6.13 -23.08 -4.10
C07 GH6 C . 6.46 -21.74 -4.04
C09 GH6 C . 7.17 -21.95 -1.84
C11 GH6 C . 8.39 -20.02 -0.74
C12 GH6 C . 9.72 -19.92 -0.39
C14 GH6 C . 10.37 -18.70 -0.46
C16 GH6 C . 8.35 -17.66 -1.22
C18 GH6 C . 6.47 -16.22 -1.01
C19 GH6 C . 6.75 -15.45 0.27
C23 GH6 C . 6.23 -15.00 2.56
C25 GH6 C . 7.69 -18.89 -1.15
N08 GH6 C . 6.97 -21.22 -2.93
N10 GH6 C . 7.73 -21.32 -0.66
O01 GH6 C . 7.38 -25.37 -0.75
O03 GH6 C . 6.98 -23.67 0.55
O17 GH6 C . 7.68 -16.50 -1.65
CL1 GH6 C . 10.61 -21.36 0.16
CL2 GH6 C . 5.97 -19.01 -1.61
H51 GH6 C . 10.20 -16.63 -0.92
H20 GH6 C . 8.37 -14.33 -0.57
H21 GH6 C . 8.82 -13.09 1.52
H22 GH6 C . 7.45 -13.52 3.53
H24 GH6 C . 5.19 -16.43 1.36
H05 GH6 C . 6.09 -24.93 -3.00
H06 GH6 C . 5.72 -23.50 -5.00
H07 GH6 C . 6.31 -21.11 -4.90
H14 GH6 C . 11.42 -18.63 -0.18
H18 GH6 C . 5.85 -15.63 -1.66
H19 GH6 C . 5.96 -17.15 -0.77
H23 GH6 C . 5.62 -15.19 3.45
H10 GH6 C . 7.62 -21.76 0.24
C15 GH6 D . -11.98 16.06 1.34
C20 GH6 D . -10.25 12.89 0.18
C21 GH6 D . -9.83 12.63 -1.11
C22 GH6 D . -10.62 11.85 -1.94
C24 GH6 D . -12.22 11.58 -0.20
C02 GH6 D . -18.89 16.40 2.85
C04 GH6 D . -17.89 16.05 3.93
C05 GH6 D . -18.31 16.00 5.25
C06 GH6 D . -17.39 15.68 6.23
C07 GH6 D . -16.08 15.41 5.87
C09 GH6 D . -16.56 15.77 3.63
C11 GH6 D . -14.68 15.88 1.94
C12 GH6 D . -14.20 16.98 1.26
C14 GH6 D . -12.84 17.06 0.96
C16 GH6 D . -12.46 14.95 2.03
C18 GH6 D . -11.91 12.65 2.06
C19 GH6 D . -11.44 12.36 0.64
C23 GH6 D . -11.81 11.33 -1.49
C25 GH6 D . -13.82 14.87 2.33
N08 GH6 D . -15.71 15.47 4.60
N10 GH6 D . -16.10 15.81 2.26
O01 GH6 D . -19.83 17.19 3.11
O03 GH6 D . -18.78 15.91 1.69
O17 GH6 D . -11.57 13.95 2.41
CL1 GH6 D . -15.30 18.27 0.76
CL2 GH6 D . -14.43 13.45 3.22
H51 GH6 D . -10.93 16.13 1.10
H20 GH6 D . -9.63 13.50 0.84
H21 GH6 D . -8.89 13.03 -1.47
H22 GH6 D . -10.28 11.64 -2.96
H24 GH6 D . -13.16 11.18 0.16
H05 GH6 D . -19.34 16.21 5.51
H06 GH6 D . -17.69 15.63 7.27
H07 GH6 D . -15.36 15.16 6.62
H14 GH6 D . -12.47 17.92 0.41
H18 GH6 D . -11.43 11.94 2.75
H19 GH6 D . -12.99 12.53 2.12
H23 GH6 D . -12.43 10.72 -2.15
H10 GH6 D . -16.77 15.74 1.51
#